data_6HLP
#
_entry.id   6HLP
#
_cell.length_a   61.658
_cell.length_b   76.571
_cell.length_c   166.035
_cell.angle_alpha   90.00
_cell.angle_beta   90.00
_cell.angle_gamma   90.00
#
_symmetry.space_group_name_H-M   'P 21 21 21'
#
loop_
_entity.id
_entity.type
_entity.pdbx_description
1 polymer 'Substance-P receptor,Substance-P receptor'
2 non-polymer 2-[3,5-bis(trifluoromethyl)phenyl]-~{N},2-dimethyl-~{N}-[4-(2-methylphenyl)-6-(4-methylpiperazin-1-yl)pyridin-3-yl]propanamide
3 non-polymer 'CITRIC ACID'
4 non-polymer 'OLEIC ACID'
5 non-polymer '(2R)-2,3-dihydroxypropyl (9Z)-octadec-9-enoate'
6 non-polymer DI(HYDROXYETHYL)ETHER
7 water water
#
_entity_poly.entity_id   1
_entity_poly.type   'polypeptide(L)'
_entity_poly.pdbx_seq_one_letter_code
;MDNVLPVDSDLSPNISTNTSEPNQFVQPAWQIVLWAAAYTVIVVTSVVGNVVVMWIILAHKRMRTVTNYFLVNAAFAEAS
MAAFNTVVNFTYAVHNEWYYGLFYCKFHNFFPIAAIFASIYSMTAVAFDRYMAIIHPLQPRLSLTATKVVICVIWVLALL
LAFPQGYYSTTETMPSRVVCKIEWPEHPNKIYEKVYHICVTVLIYFLPLLVIGYLYTVVGITLRASGID(YCM)SFWNES
YLTGSRDERKKSLLSKFGMDEGVTFMFIGRFDRGQKGVDVLLKAIEILSSKKEFQEMRFIIIGKGDPELEGWARSLEEKH
GNVKVITEMLSREFVRELYGSVDFVIIPSYFEPFGLVALEAMCLGAIPIASAVGGLRDIITNETGILVKAGDPGELANAI
LKALELSRSDLSKFRENCKKRAMSFSEQVSAARKVVKMMIVVVCTFAICWLPFHIFFLLPYINPDLYLKKFIQQVYLAIM
WLAMSSTMYNPIIYCCLNDRFRLGFKHAFR(YCM)CPFISAGDYEGLE
;
_entity_poly.pdbx_strand_id   A
#
loop_
_chem_comp.id
_chem_comp.type
_chem_comp.name
_chem_comp.formula
CIT non-polymer 'CITRIC ACID' 'C6 H8 O7'
GAW non-polymer 2-[3,5-bis(trifluoromethyl)phenyl]-~{N},2-dimethyl-~{N}-[4-(2-methylphenyl)-6-(4-methylpiperazin-1-yl)pyridin-3-yl]propanamide 'C30 H32 F6 N4 O'
OLA non-polymer 'OLEIC ACID' 'C18 H34 O2'
OLC non-polymer '(2R)-2,3-dihydroxypropyl (9Z)-octadec-9-enoate' 'C21 H40 O4'
PEG non-polymer DI(HYDROXYETHYL)ETHER 'C4 H10 O3'
#
# COMPACT_ATOMS: atom_id res chain seq x y z
N GLN A 27 33.09 -29.11 -16.37
CA GLN A 27 32.21 -29.18 -15.21
C GLN A 27 31.73 -30.61 -14.96
N PRO A 28 31.89 -31.08 -13.73
CA PRO A 28 31.54 -32.47 -13.42
C PRO A 28 30.05 -32.74 -13.57
N ALA A 29 29.73 -33.97 -13.96
CA ALA A 29 28.34 -34.33 -14.26
C ALA A 29 27.44 -34.26 -13.02
N TRP A 30 27.97 -34.47 -11.82
CA TRP A 30 27.11 -34.41 -10.64
C TRP A 30 26.58 -33.00 -10.43
N GLN A 31 27.39 -31.97 -10.73
CA GLN A 31 26.87 -30.61 -10.70
C GLN A 31 25.81 -30.38 -11.74
N ILE A 32 25.92 -31.03 -12.90
CA ILE A 32 24.88 -30.92 -13.91
C ILE A 32 23.59 -31.54 -13.42
N VAL A 33 23.67 -32.69 -12.73
CA VAL A 33 22.47 -33.33 -12.20
C VAL A 33 21.83 -32.48 -11.12
N LEU A 34 22.65 -31.84 -10.28
CA LEU A 34 22.10 -30.95 -9.26
C LEU A 34 21.42 -29.74 -9.88
N TRP A 35 22.03 -29.13 -10.90
CA TRP A 35 21.40 -28.00 -11.56
C TRP A 35 20.11 -28.41 -12.26
N ALA A 36 20.10 -29.62 -12.85
CA ALA A 36 18.89 -30.08 -13.52
C ALA A 36 17.77 -30.30 -12.51
N ALA A 37 18.10 -30.83 -11.33
CA ALA A 37 17.09 -30.97 -10.29
C ALA A 37 16.57 -29.62 -9.83
N ALA A 38 17.45 -28.62 -9.72
CA ALA A 38 17.00 -27.31 -9.25
C ALA A 38 16.06 -26.65 -10.26
N TYR A 39 16.42 -26.71 -11.55
CA TYR A 39 15.53 -26.17 -12.57
C TYR A 39 14.22 -26.96 -12.65
N THR A 40 14.26 -28.28 -12.41
CA THR A 40 13.03 -29.05 -12.37
C THR A 40 12.14 -28.61 -11.21
N VAL A 41 12.77 -28.26 -10.08
CA VAL A 41 11.99 -27.75 -8.95
C VAL A 41 11.29 -26.46 -9.34
N ILE A 42 11.98 -25.59 -10.07
CA ILE A 42 11.33 -24.38 -10.56
C ILE A 42 10.11 -24.75 -11.40
N VAL A 43 10.29 -25.66 -12.35
CA VAL A 43 9.21 -25.96 -13.29
C VAL A 43 7.99 -26.48 -12.55
N VAL A 44 8.18 -27.48 -11.70
CA VAL A 44 7.03 -28.11 -11.08
C VAL A 44 6.36 -27.16 -10.09
N THR A 45 7.16 -26.42 -9.31
CA THR A 45 6.57 -25.51 -8.33
C THR A 45 5.77 -24.42 -9.02
N SER A 46 6.34 -23.84 -10.09
CA SER A 46 5.62 -22.77 -10.79
C SER A 46 4.34 -23.29 -11.43
N VAL A 47 4.40 -24.46 -12.09
CA VAL A 47 3.21 -24.93 -12.79
C VAL A 47 2.11 -25.28 -11.81
N VAL A 48 2.43 -26.05 -10.77
CA VAL A 48 1.41 -26.46 -9.80
C VAL A 48 0.83 -25.24 -9.08
N GLY A 49 1.71 -24.36 -8.58
CA GLY A 49 1.21 -23.25 -7.78
C GLY A 49 0.41 -22.25 -8.60
N ASN A 50 0.84 -21.96 -9.83
CA ASN A 50 0.09 -21.00 -10.63
C ASN A 50 -1.20 -21.60 -11.17
N VAL A 51 -1.23 -22.91 -11.48
CA VAL A 51 -2.48 -23.53 -11.90
C VAL A 51 -3.48 -23.52 -10.75
N VAL A 52 -3.01 -23.80 -9.53
CA VAL A 52 -3.90 -23.74 -8.37
C VAL A 52 -4.35 -22.31 -8.11
N VAL A 53 -3.50 -21.31 -8.36
CA VAL A 53 -3.92 -19.92 -8.18
C VAL A 53 -5.03 -19.57 -9.17
N MET A 54 -4.87 -19.99 -10.43
CA MET A 54 -5.90 -19.73 -11.43
C MET A 54 -7.18 -20.46 -11.09
N TRP A 55 -7.10 -21.66 -10.52
CA TRP A 55 -8.31 -22.35 -10.10
C TRP A 55 -8.98 -21.63 -8.92
N ILE A 56 -8.17 -21.15 -7.97
CA ILE A 56 -8.74 -20.48 -6.79
C ILE A 56 -9.50 -19.23 -7.21
N ILE A 57 -8.97 -18.49 -8.18
CA ILE A 57 -9.64 -17.27 -8.61
C ILE A 57 -10.82 -17.58 -9.53
N LEU A 58 -10.57 -18.34 -10.61
CA LEU A 58 -11.58 -18.51 -11.66
C LEU A 58 -12.76 -19.37 -11.21
N ALA A 59 -12.54 -20.35 -10.34
CA ALA A 59 -13.60 -21.27 -9.96
C ALA A 59 -14.45 -20.81 -8.78
N HIS A 60 -14.09 -19.70 -8.13
CA HIS A 60 -14.83 -19.22 -6.97
C HIS A 60 -15.31 -17.80 -7.25
N LYS A 61 -16.63 -17.63 -7.32
CA LYS A 61 -17.22 -16.39 -7.81
C LYS A 61 -16.83 -15.19 -6.95
N ARG A 62 -16.61 -15.39 -5.64
CA ARG A 62 -16.22 -14.27 -4.80
C ARG A 62 -14.83 -13.75 -5.16
N MET A 63 -13.98 -14.60 -5.74
CA MET A 63 -12.61 -14.23 -6.09
C MET A 63 -12.50 -13.48 -7.41
N ARG A 64 -13.60 -13.32 -8.15
CA ARG A 64 -13.54 -12.73 -9.49
C ARG A 64 -13.63 -11.21 -9.37
N THR A 65 -12.50 -10.61 -9.00
CA THR A 65 -12.35 -9.17 -8.88
C THR A 65 -11.37 -8.67 -9.94
N VAL A 66 -11.29 -7.34 -10.03
CA VAL A 66 -10.34 -6.70 -10.94
C VAL A 66 -8.92 -7.14 -10.60
N THR A 67 -8.55 -7.02 -9.33
CA THR A 67 -7.20 -7.34 -8.89
C THR A 67 -6.88 -8.80 -9.17
N ASN A 68 -7.82 -9.69 -8.83
CA ASN A 68 -7.57 -11.11 -9.07
C ASN A 68 -7.54 -11.46 -10.55
N TYR A 69 -8.23 -10.70 -11.41
CA TYR A 69 -8.09 -10.97 -12.84
C TYR A 69 -6.69 -10.63 -13.32
N PHE A 70 -6.14 -9.50 -12.87
CA PHE A 70 -4.74 -9.23 -13.25
C PHE A 70 -3.80 -10.27 -12.67
N LEU A 71 -4.08 -10.74 -11.45
CA LEU A 71 -3.23 -11.77 -10.85
C LEU A 71 -3.33 -13.09 -11.61
N VAL A 72 -4.51 -13.41 -12.14
CA VAL A 72 -4.66 -14.62 -12.94
C VAL A 72 -3.87 -14.50 -14.23
N ASN A 73 -3.88 -13.30 -14.83
CA ASN A 73 -3.10 -13.11 -16.04
C ASN A 73 -1.61 -13.28 -15.78
N ALA A 74 -1.13 -12.72 -14.67
CA ALA A 74 0.28 -12.88 -14.33
C ALA A 74 0.62 -14.34 -14.03
N ALA A 75 -0.30 -15.06 -13.38
CA ALA A 75 -0.06 -16.47 -13.11
C ALA A 75 -0.01 -17.28 -14.40
N PHE A 76 -0.83 -16.91 -15.38
CA PHE A 76 -0.83 -17.62 -16.65
C PHE A 76 0.48 -17.40 -17.39
N ALA A 77 0.94 -16.14 -17.41
CA ALA A 77 2.20 -15.83 -18.07
C ALA A 77 3.37 -16.53 -17.40
N GLU A 78 3.39 -16.56 -16.07
CA GLU A 78 4.53 -17.14 -15.38
C GLU A 78 4.54 -18.66 -15.48
N ALA A 79 3.36 -19.29 -15.37
CA ALA A 79 3.30 -20.74 -15.55
C ALA A 79 3.69 -21.12 -16.97
N SER A 80 3.31 -20.31 -17.96
CA SER A 80 3.65 -20.63 -19.34
C SER A 80 5.15 -20.54 -19.58
N MET A 81 5.78 -19.46 -19.08
CA MET A 81 7.22 -19.35 -19.27
C MET A 81 7.96 -20.48 -18.57
N ALA A 82 7.50 -20.87 -17.37
CA ALA A 82 8.17 -21.96 -16.68
C ALA A 82 7.97 -23.28 -17.42
N ALA A 83 6.75 -23.56 -17.90
CA ALA A 83 6.47 -24.82 -18.55
C ALA A 83 7.14 -24.93 -19.92
N PHE A 84 7.35 -23.82 -20.62
CA PHE A 84 7.76 -23.89 -22.01
C PHE A 84 9.15 -23.33 -22.30
N ASN A 85 9.86 -22.78 -21.31
CA ASN A 85 11.17 -22.22 -21.60
C ASN A 85 12.29 -22.79 -20.74
N THR A 86 11.97 -23.17 -19.50
CA THR A 86 12.99 -23.43 -18.49
C THR A 86 13.89 -24.59 -18.87
N VAL A 87 13.30 -25.68 -19.36
CA VAL A 87 14.06 -26.89 -19.62
C VAL A 87 15.10 -26.64 -20.71
N VAL A 88 14.66 -26.05 -21.83
CA VAL A 88 15.60 -25.83 -22.93
C VAL A 88 16.59 -24.72 -22.59
N ASN A 89 16.18 -23.71 -21.80
CA ASN A 89 17.15 -22.70 -21.39
C ASN A 89 18.27 -23.34 -20.59
N PHE A 90 17.92 -24.29 -19.72
CA PHE A 90 18.94 -24.99 -18.95
C PHE A 90 19.82 -25.84 -19.86
N THR A 91 19.21 -26.69 -20.69
CA THR A 91 20.01 -27.64 -21.46
C THR A 91 20.90 -26.93 -22.48
N TYR A 92 20.38 -25.87 -23.11
CA TYR A 92 21.18 -25.08 -24.02
C TYR A 92 22.28 -24.32 -23.29
N ALA A 93 22.04 -23.88 -22.05
CA ALA A 93 23.14 -23.28 -21.31
C ALA A 93 24.22 -24.29 -20.97
N VAL A 94 23.83 -25.56 -20.75
CA VAL A 94 24.80 -26.58 -20.38
C VAL A 94 25.50 -27.16 -21.60
N HIS A 95 24.77 -27.35 -22.70
CA HIS A 95 25.29 -27.96 -23.93
C HIS A 95 24.97 -26.99 -25.06
N ASN A 96 25.97 -26.25 -25.50
CA ASN A 96 25.77 -25.07 -26.34
C ASN A 96 25.56 -25.41 -27.80
N GLU A 97 24.71 -26.40 -28.10
CA GLU A 97 24.31 -26.72 -29.46
C GLU A 97 22.79 -26.82 -29.50
N TRP A 98 22.20 -26.26 -30.55
CA TRP A 98 20.75 -26.14 -30.67
C TRP A 98 20.20 -27.31 -31.48
N TYR A 99 19.44 -28.19 -30.84
CA TYR A 99 18.89 -29.37 -31.49
C TYR A 99 17.37 -29.30 -31.66
N TYR A 100 16.75 -28.17 -31.33
CA TYR A 100 15.32 -28.16 -31.03
C TYR A 100 14.44 -27.54 -32.13
N GLY A 101 15.01 -27.18 -33.27
CA GLY A 101 14.23 -26.71 -34.39
C GLY A 101 14.11 -25.20 -34.44
N LEU A 102 13.68 -24.70 -35.61
CA LEU A 102 13.66 -23.27 -35.86
C LEU A 102 12.49 -22.58 -35.16
N PHE A 103 11.29 -23.17 -35.21
CA PHE A 103 10.18 -22.53 -34.52
C PHE A 103 10.45 -22.41 -33.03
N TYR A 104 11.03 -23.46 -32.43
CA TYR A 104 11.31 -23.36 -31.01
C TYR A 104 12.46 -22.39 -30.72
N CYS A 105 13.38 -22.19 -31.67
CA CYS A 105 14.40 -21.16 -31.50
C CYS A 105 13.78 -19.77 -31.45
N LYS A 106 12.83 -19.51 -32.36
CA LYS A 106 12.11 -18.25 -32.32
C LYS A 106 11.31 -18.10 -31.03
N PHE A 107 10.60 -19.16 -30.62
CA PHE A 107 9.81 -19.10 -29.38
C PHE A 107 10.70 -18.89 -28.17
N HIS A 108 11.87 -19.52 -28.17
CA HIS A 108 12.83 -19.41 -27.08
C HIS A 108 13.34 -17.98 -26.94
N ASN A 109 13.50 -17.26 -28.04
CA ASN A 109 13.90 -15.86 -27.90
C ASN A 109 12.73 -14.88 -27.84
N PHE A 110 11.51 -15.31 -28.12
CA PHE A 110 10.35 -14.44 -28.18
C PHE A 110 9.55 -14.45 -26.89
N PHE A 111 9.14 -15.64 -26.44
CA PHE A 111 8.17 -15.71 -25.35
C PHE A 111 8.63 -15.09 -24.04
N PRO A 112 9.86 -15.28 -23.55
CA PRO A 112 10.17 -14.74 -22.21
C PRO A 112 9.96 -13.24 -22.11
N ILE A 113 10.21 -12.49 -23.17
CA ILE A 113 10.00 -11.04 -23.13
C ILE A 113 8.51 -10.74 -23.01
N ALA A 114 7.70 -11.38 -23.85
CA ALA A 114 6.26 -11.14 -23.81
C ALA A 114 5.65 -11.57 -22.48
N ALA A 115 6.14 -12.67 -21.92
CA ALA A 115 5.59 -13.19 -20.68
C ALA A 115 5.95 -12.28 -19.50
N ILE A 116 7.22 -11.87 -19.41
CA ILE A 116 7.61 -10.99 -18.32
C ILE A 116 6.91 -9.64 -18.45
N PHE A 117 6.75 -9.15 -19.68
CA PHE A 117 6.01 -7.90 -19.88
C PHE A 117 4.58 -8.03 -19.39
N ALA A 118 3.87 -9.08 -19.83
CA ALA A 118 2.48 -9.24 -19.43
C ALA A 118 2.35 -9.38 -17.92
N SER A 119 3.29 -10.09 -17.29
CA SER A 119 3.23 -10.31 -15.86
C SER A 119 3.46 -9.01 -15.08
N ILE A 120 4.56 -8.32 -15.38
CA ILE A 120 4.89 -7.13 -14.60
C ILE A 120 3.89 -6.01 -14.86
N TYR A 121 3.34 -5.91 -16.07
CA TYR A 121 2.33 -4.87 -16.26
C TYR A 121 0.98 -5.25 -15.67
N SER A 122 0.70 -6.56 -15.49
CA SER A 122 -0.47 -6.91 -14.69
C SER A 122 -0.30 -6.47 -13.24
N MET A 123 0.91 -6.66 -12.68
CA MET A 123 1.16 -6.20 -11.33
C MET A 123 1.08 -4.68 -11.24
N THR A 124 1.51 -3.99 -12.30
CA THR A 124 1.41 -2.53 -12.33
C THR A 124 -0.03 -2.07 -12.36
N ALA A 125 -0.89 -2.79 -13.10
CA ALA A 125 -2.31 -2.46 -13.10
C ALA A 125 -2.93 -2.68 -11.73
N VAL A 126 -2.50 -3.72 -11.01
CA VAL A 126 -3.02 -3.94 -9.66
C VAL A 126 -2.61 -2.79 -8.75
N ALA A 127 -1.35 -2.36 -8.83
CA ALA A 127 -0.90 -1.26 -8.00
C ALA A 127 -1.66 0.02 -8.31
N PHE A 128 -1.94 0.26 -9.60
CA PHE A 128 -2.69 1.46 -9.97
C PHE A 128 -4.13 1.39 -9.47
N ASP A 129 -4.73 0.21 -9.51
CA ASP A 129 -6.10 0.07 -9.02
C ASP A 129 -6.17 0.35 -7.52
N ARG A 130 -5.17 -0.14 -6.76
CA ARG A 130 -5.16 0.14 -5.33
C ARG A 130 -4.92 1.63 -5.07
N TYR A 131 -4.01 2.24 -5.83
CA TYR A 131 -3.74 3.65 -5.68
C TYR A 131 -4.99 4.48 -5.96
N MET A 132 -5.78 4.07 -6.95
CA MET A 132 -7.00 4.81 -7.23
C MET A 132 -8.02 4.62 -6.12
N ALA A 133 -8.16 3.39 -5.62
CA ALA A 133 -9.16 3.15 -4.58
C ALA A 133 -8.83 3.90 -3.29
N ILE A 134 -7.55 4.07 -2.98
CA ILE A 134 -7.17 4.66 -1.70
C ILE A 134 -6.92 6.16 -1.81
N ILE A 135 -6.31 6.61 -2.91
CA ILE A 135 -5.94 8.02 -3.05
C ILE A 135 -7.03 8.84 -3.73
N HIS A 136 -7.81 8.27 -4.65
CA HIS A 136 -8.91 8.96 -5.30
C HIS A 136 -10.14 8.06 -5.31
N PRO A 137 -10.75 7.83 -4.15
CA PRO A 137 -11.92 6.92 -4.11
C PRO A 137 -13.09 7.35 -4.97
N LEU A 138 -13.29 8.67 -5.15
CA LEU A 138 -14.43 9.14 -5.95
C LEU A 138 -14.27 8.82 -7.44
N GLN A 139 -13.05 8.70 -7.92
CA GLN A 139 -12.84 8.54 -9.36
C GLN A 139 -13.16 7.10 -9.80
N PRO A 140 -13.81 6.93 -10.95
CA PRO A 140 -14.17 5.59 -11.40
C PRO A 140 -12.94 4.72 -11.65
N ARG A 141 -13.09 3.43 -11.35
CA ARG A 141 -12.06 2.44 -11.62
C ARG A 141 -12.56 1.48 -12.69
N LEU A 142 -11.71 0.53 -13.06
CA LEU A 142 -12.06 -0.40 -14.13
C LEU A 142 -13.22 -1.30 -13.74
N SER A 143 -14.17 -1.45 -14.66
CA SER A 143 -15.11 -2.57 -14.65
C SER A 143 -14.41 -3.85 -15.06
N LEU A 144 -15.02 -4.99 -14.71
CA LEU A 144 -14.40 -6.28 -15.03
C LEU A 144 -14.17 -6.45 -16.52
N THR A 145 -15.13 -6.04 -17.36
CA THR A 145 -14.92 -6.11 -18.79
C THR A 145 -13.80 -5.17 -19.24
N ALA A 146 -13.70 -4.00 -18.59
CA ALA A 146 -12.59 -3.11 -18.88
C ALA A 146 -11.25 -3.74 -18.50
N THR A 147 -11.23 -4.52 -17.42
CA THR A 147 -9.98 -5.21 -17.07
C THR A 147 -9.64 -6.29 -18.08
N LYS A 148 -10.65 -6.99 -18.61
CA LYS A 148 -10.34 -7.97 -19.66
C LYS A 148 -9.80 -7.29 -20.91
N VAL A 149 -10.34 -6.10 -21.22
CA VAL A 149 -9.81 -5.33 -22.35
C VAL A 149 -8.37 -4.91 -22.08
N VAL A 150 -8.09 -4.47 -20.85
CA VAL A 150 -6.73 -4.05 -20.51
C VAL A 150 -5.78 -5.23 -20.57
N ILE A 151 -6.25 -6.42 -20.20
CA ILE A 151 -5.40 -7.60 -20.27
C ILE A 151 -5.07 -7.94 -21.72
N CYS A 152 -6.06 -7.85 -22.61
CA CYS A 152 -5.80 -8.08 -24.03
C CYS A 152 -4.83 -7.04 -24.58
N VAL A 153 -4.96 -5.78 -24.15
CA VAL A 153 -4.06 -4.75 -24.64
C VAL A 153 -2.64 -5.01 -24.14
N ILE A 154 -2.50 -5.46 -22.90
CA ILE A 154 -1.19 -5.76 -22.35
C ILE A 154 -0.55 -6.87 -23.16
N TRP A 155 -1.31 -7.90 -23.50
CA TRP A 155 -0.73 -8.98 -24.29
C TRP A 155 -0.39 -8.53 -25.71
N VAL A 156 -1.19 -7.64 -26.29
CA VAL A 156 -0.85 -7.15 -27.63
C VAL A 156 0.46 -6.39 -27.59
N LEU A 157 0.62 -5.51 -26.59
CA LEU A 157 1.87 -4.77 -26.48
C LEU A 157 3.05 -5.68 -26.18
N ALA A 158 2.83 -6.73 -25.39
CA ALA A 158 3.92 -7.65 -25.06
C ALA A 158 4.38 -8.42 -26.29
N LEU A 159 3.41 -8.91 -27.08
CA LEU A 159 3.77 -9.65 -28.29
C LEU A 159 4.45 -8.73 -29.30
N LEU A 160 3.98 -7.48 -29.42
CA LEU A 160 4.66 -6.56 -30.34
C LEU A 160 6.07 -6.25 -29.89
N LEU A 161 6.29 -6.10 -28.57
CA LEU A 161 7.63 -5.81 -28.08
C LEU A 161 8.56 -7.00 -28.30
N ALA A 162 8.06 -8.22 -28.10
CA ALA A 162 8.91 -9.39 -28.28
C ALA A 162 9.10 -9.77 -29.74
N PHE A 163 8.27 -9.24 -30.64
CA PHE A 163 8.28 -9.68 -32.03
C PHE A 163 9.64 -9.63 -32.71
N PRO A 164 10.44 -8.57 -32.59
CA PRO A 164 11.69 -8.52 -33.32
C PRO A 164 12.61 -9.69 -32.98
N GLN A 165 12.67 -10.09 -31.72
CA GLN A 165 13.55 -11.21 -31.33
C GLN A 165 13.06 -12.50 -31.98
N GLY A 166 11.76 -12.68 -32.07
CA GLY A 166 11.23 -13.86 -32.74
C GLY A 166 11.53 -13.83 -34.22
N TYR A 167 11.42 -12.65 -34.81
CA TYR A 167 11.53 -12.50 -36.26
C TYR A 167 12.97 -12.72 -36.74
N TYR A 168 13.95 -12.20 -36.00
CA TYR A 168 15.34 -12.31 -36.41
C TYR A 168 16.06 -13.55 -35.87
N SER A 169 15.40 -14.35 -35.04
CA SER A 169 16.03 -15.58 -34.57
C SER A 169 16.09 -16.61 -35.70
N THR A 170 17.18 -17.37 -35.74
CA THR A 170 17.37 -18.39 -36.76
C THR A 170 18.34 -19.42 -36.22
N THR A 171 18.28 -20.62 -36.80
CA THR A 171 19.27 -21.66 -36.54
C THR A 171 20.31 -21.67 -37.64
N GLU A 172 21.57 -21.86 -37.26
CA GLU A 172 22.65 -21.84 -38.25
C GLU A 172 23.91 -22.44 -37.64
N THR A 173 24.73 -23.09 -38.47
CA THR A 173 26.07 -23.48 -38.05
C THR A 173 26.97 -22.25 -37.96
N MET A 174 27.82 -22.21 -36.93
CA MET A 174 28.60 -21.01 -36.63
C MET A 174 30.05 -21.35 -36.31
N PRO A 175 30.81 -21.84 -37.31
CA PRO A 175 30.49 -22.20 -38.69
C PRO A 175 30.12 -23.67 -38.89
N SER A 176 30.41 -24.53 -37.92
CA SER A 176 30.21 -25.97 -38.11
C SER A 176 29.11 -26.57 -37.24
N ARG A 177 28.82 -26.02 -36.07
CA ARG A 177 27.81 -26.58 -35.17
C ARG A 177 26.61 -25.65 -35.05
N VAL A 178 25.43 -26.25 -34.94
CA VAL A 178 24.18 -25.49 -34.94
C VAL A 178 24.04 -24.66 -33.67
N VAL A 179 23.63 -23.41 -33.83
CA VAL A 179 23.24 -22.54 -32.74
C VAL A 179 21.94 -21.86 -33.11
N CYS A 180 21.22 -21.43 -32.09
CA CYS A 180 20.09 -20.51 -32.24
C CYS A 180 20.62 -19.11 -31.95
N LYS A 181 20.54 -18.23 -32.95
CA LYS A 181 21.10 -16.89 -32.83
C LYS A 181 20.13 -15.87 -33.40
N ILE A 182 20.05 -14.72 -32.74
CA ILE A 182 19.25 -13.60 -33.25
C ILE A 182 20.12 -12.85 -34.25
N GLU A 183 19.75 -12.95 -35.53
CA GLU A 183 20.49 -12.28 -36.62
C GLU A 183 19.87 -10.91 -36.88
N TRP A 184 20.31 -9.90 -36.15
CA TRP A 184 19.85 -8.51 -36.33
C TRP A 184 20.42 -7.99 -37.64
N PRO A 185 19.76 -7.07 -38.35
CA PRO A 185 20.28 -6.55 -39.60
C PRO A 185 21.65 -5.96 -39.23
N GLU A 186 22.66 -6.25 -40.03
CA GLU A 186 24.02 -5.75 -39.74
C GLU A 186 23.95 -4.23 -39.83
N HIS A 187 24.54 -3.53 -38.86
CA HIS A 187 24.44 -2.05 -38.86
C HIS A 187 25.61 -1.41 -38.14
N PRO A 188 25.44 -0.15 -37.70
CA PRO A 188 26.53 0.62 -37.13
C PRO A 188 26.95 0.06 -35.77
N ASN A 189 27.74 -1.00 -35.81
CA ASN A 189 28.23 -1.66 -34.58
C ASN A 189 27.05 -2.08 -33.70
N LYS A 190 26.10 -2.77 -34.32
CA LYS A 190 24.95 -3.40 -33.64
C LYS A 190 24.12 -2.40 -32.86
N ILE A 191 23.88 -1.22 -33.41
CA ILE A 191 23.06 -0.21 -32.66
C ILE A 191 21.64 -0.72 -32.46
N TYR A 192 21.08 -1.44 -33.43
CA TYR A 192 19.67 -1.87 -33.30
C TYR A 192 19.49 -2.86 -32.14
N GLU A 193 20.37 -3.83 -32.00
CA GLU A 193 20.21 -4.76 -30.87
C GLU A 193 20.45 -4.04 -29.55
N LYS A 194 21.41 -3.12 -29.51
CA LYS A 194 21.69 -2.39 -28.24
C LYS A 194 20.48 -1.53 -27.86
N VAL A 195 19.90 -0.81 -28.81
CA VAL A 195 18.75 0.03 -28.46
C VAL A 195 17.57 -0.84 -28.03
N TYR A 196 17.37 -1.96 -28.72
CA TYR A 196 16.27 -2.84 -28.38
C TYR A 196 16.49 -3.47 -27.00
N HIS A 197 17.71 -3.92 -26.72
CA HIS A 197 17.97 -4.52 -25.41
C HIS A 197 17.76 -3.50 -24.29
N ILE A 198 18.20 -2.27 -24.51
CA ILE A 198 18.03 -1.24 -23.47
C ILE A 198 16.56 -0.93 -23.26
N CYS A 199 15.81 -0.75 -24.35
CA CYS A 199 14.40 -0.42 -24.23
C CYS A 199 13.62 -1.55 -23.57
N VAL A 200 13.95 -2.80 -23.90
CA VAL A 200 13.25 -3.91 -23.26
C VAL A 200 13.57 -3.94 -21.77
N THR A 201 14.84 -3.73 -21.40
CA THR A 201 15.19 -3.76 -19.99
C THR A 201 14.49 -2.64 -19.22
N VAL A 202 14.29 -1.50 -19.87
CA VAL A 202 13.54 -0.41 -19.22
C VAL A 202 12.07 -0.79 -19.08
N LEU A 203 11.46 -1.30 -20.16
CA LEU A 203 10.03 -1.57 -20.14
C LEU A 203 9.64 -2.71 -19.21
N ILE A 204 10.48 -3.71 -19.08
CA ILE A 204 10.11 -4.87 -18.24
C ILE A 204 10.79 -4.82 -16.88
N TYR A 205 11.62 -3.82 -16.60
CA TYR A 205 12.24 -3.82 -15.25
C TYR A 205 12.24 -2.43 -14.62
N PHE A 206 13.07 -1.52 -15.10
CA PHE A 206 13.24 -0.21 -14.43
C PHE A 206 11.97 0.65 -14.39
N LEU A 207 11.31 0.82 -15.51
CA LEU A 207 10.11 1.67 -15.52
C LEU A 207 8.97 1.10 -14.67
N PRO A 208 8.53 -0.16 -14.86
CA PRO A 208 7.45 -0.66 -14.00
C PRO A 208 7.82 -0.64 -12.52
N LEU A 209 9.08 -0.92 -12.19
CA LEU A 209 9.47 -0.88 -10.78
C LEU A 209 9.39 0.53 -10.22
N LEU A 210 9.80 1.53 -10.99
CA LEU A 210 9.70 2.90 -10.50
C LEU A 210 8.25 3.31 -10.33
N VAL A 211 7.38 2.90 -11.25
CA VAL A 211 5.97 3.27 -11.17
C VAL A 211 5.31 2.59 -9.97
N ILE A 212 5.53 1.28 -9.83
CA ILE A 212 4.96 0.55 -8.70
C ILE A 212 5.55 1.03 -7.38
N GLY A 213 6.82 1.43 -7.38
CA GLY A 213 7.41 1.93 -6.15
C GLY A 213 6.81 3.26 -5.73
N TYR A 214 6.56 4.15 -6.70
CA TYR A 214 5.85 5.38 -6.38
C TYR A 214 4.45 5.07 -5.84
N LEU A 215 3.71 4.22 -6.55
CA LEU A 215 2.31 3.96 -6.18
C LEU A 215 2.22 3.37 -4.78
N TYR A 216 3.03 2.35 -4.50
CA TYR A 216 2.96 1.72 -3.19
C TYR A 216 3.66 2.53 -2.09
N THR A 217 4.57 3.44 -2.43
CA THR A 217 5.09 4.33 -1.40
C THR A 217 3.99 5.28 -0.93
N VAL A 218 3.28 5.87 -1.89
CA VAL A 218 2.20 6.80 -1.52
C VAL A 218 1.11 6.05 -0.76
N VAL A 219 0.68 4.89 -1.28
CA VAL A 219 -0.39 4.15 -0.63
C VAL A 219 0.04 3.65 0.74
N GLY A 220 1.27 3.14 0.87
CA GLY A 220 1.68 2.56 2.14
C GLY A 220 1.87 3.60 3.21
N ILE A 221 2.40 4.77 2.83
CA ILE A 221 2.49 5.86 3.79
C ILE A 221 1.10 6.33 4.20
N THR A 222 0.19 6.46 3.24
CA THR A 222 -1.16 6.92 3.58
C THR A 222 -1.86 5.94 4.52
N LEU A 223 -1.69 4.64 4.28
CA LEU A 223 -2.36 3.66 5.13
C LEU A 223 -1.73 3.61 6.51
N ARG A 224 -0.39 3.62 6.60
CA ARG A 224 0.23 3.58 7.91
C ARG A 224 -0.08 4.83 8.72
N ALA A 225 -0.14 5.99 8.07
CA ALA A 225 -0.44 7.22 8.80
C ALA A 225 -1.91 7.30 9.20
N SER A 226 -2.77 6.51 8.57
CA SER A 226 -4.19 6.43 8.92
C SER A 226 -4.41 5.27 9.88
N GLY A 227 -3.46 4.61 10.50
CA GLY A 227 -3.50 3.51 11.44
C GLY A 227 -3.55 3.99 12.88
N ILE A 228 -4.26 3.26 13.72
CA ILE A 228 -4.34 3.58 15.15
C ILE A 228 -4.23 2.26 15.91
N ASP A 229 -3.56 2.31 17.06
CA ASP A 229 -3.51 1.16 17.95
C ASP A 229 -4.80 1.04 18.76
N YCM A 230 -5.70 0.16 18.33
CA YCM A 230 -7.02 -0.05 19.01
CB YCM A 230 -7.98 -0.81 18.10
SG YCM A 230 -8.49 0.21 16.76
CD YCM A 230 -9.16 1.48 17.78
CE YCM A 230 -10.50 1.06 18.36
OZ1 YCM A 230 -11.30 0.45 17.66
NZ2 YCM A 230 -10.73 1.37 19.64
C YCM A 230 -6.88 -0.79 20.31
O YCM A 230 -7.83 -0.84 21.10
N SER A 231 -5.72 -1.39 20.54
CA SER A 231 -5.49 -2.09 21.80
C SER A 231 -5.14 -1.10 22.89
N PHE A 232 -4.89 0.16 22.53
CA PHE A 232 -4.65 1.22 23.50
C PHE A 232 -5.75 2.27 23.48
N TRP A 233 -6.03 2.88 22.33
CA TRP A 233 -7.03 3.94 22.22
C TRP A 233 -8.40 3.29 22.18
N ASN A 234 -8.89 2.96 23.38
CA ASN A 234 -10.06 2.10 23.52
C ASN A 234 -10.74 2.47 24.83
N GLU A 235 -12.04 2.73 24.77
CA GLU A 235 -12.77 3.17 25.95
C GLU A 235 -12.86 2.08 27.01
N SER A 236 -12.65 0.82 26.63
CA SER A 236 -12.77 -0.29 27.57
C SER A 236 -11.79 -0.17 28.73
N TYR A 237 -10.70 0.57 28.57
CA TYR A 237 -9.74 0.73 29.65
C TYR A 237 -10.06 1.87 30.60
N LEU A 238 -11.08 2.67 30.31
CA LEU A 238 -11.57 3.65 31.28
C LEU A 238 -12.53 3.01 32.26
N THR A 239 -12.63 3.60 33.46
CA THR A 239 -13.51 3.09 34.50
C THR A 239 -14.55 4.14 34.88
N GLY A 240 -15.70 3.66 35.33
CA GLY A 240 -16.78 4.55 35.75
C GLY A 240 -17.57 5.07 34.57
N SER A 241 -18.57 5.88 34.88
CA SER A 241 -19.37 6.55 33.87
C SER A 241 -18.61 7.75 33.31
N ARG A 242 -18.99 8.15 32.10
CA ARG A 242 -18.35 9.30 31.48
C ARG A 242 -18.59 10.58 32.28
N ASP A 243 -19.77 10.71 32.91
CA ASP A 243 -20.08 11.91 33.69
C ASP A 243 -19.22 12.00 34.95
N GLU A 244 -19.02 10.88 35.64
CA GLU A 244 -18.12 10.91 36.79
C GLU A 244 -16.70 11.22 36.38
N ARG A 245 -16.27 10.69 35.22
CA ARG A 245 -14.92 11.01 34.75
C ARG A 245 -14.79 12.48 34.40
N LYS A 246 -15.77 13.05 33.70
CA LYS A 246 -15.68 14.46 33.34
C LYS A 246 -15.71 15.35 34.58
N LYS A 247 -16.54 15.01 35.57
CA LYS A 247 -16.62 15.82 36.77
C LYS A 247 -15.31 15.73 37.56
N SER A 248 -14.73 14.54 37.66
CA SER A 248 -13.46 14.39 38.36
C SER A 248 -12.35 15.15 37.64
N LEU A 249 -12.36 15.13 36.31
CA LEU A 249 -11.34 15.85 35.53
C LEU A 249 -11.46 17.36 35.74
N LEU A 250 -12.67 17.89 35.63
CA LEU A 250 -12.86 19.32 35.81
C LEU A 250 -12.51 19.74 37.24
N SER A 251 -12.81 18.88 38.22
CA SER A 251 -12.42 19.19 39.60
C SER A 251 -10.90 19.17 39.76
N LYS A 252 -10.23 18.26 39.05
CA LYS A 252 -8.77 18.26 39.07
C LYS A 252 -8.21 19.54 38.49
N PHE A 253 -8.88 20.10 37.49
CA PHE A 253 -8.49 21.41 36.97
C PHE A 253 -9.10 22.55 37.76
N GLY A 254 -9.90 22.26 38.79
CA GLY A 254 -10.50 23.30 39.61
C GLY A 254 -11.74 23.95 39.03
N MET A 255 -12.40 23.31 38.07
CA MET A 255 -13.55 23.91 37.40
C MET A 255 -14.86 23.26 37.85
N ASP A 256 -15.92 24.05 37.74
CA ASP A 256 -17.28 23.56 37.89
C ASP A 256 -17.71 22.77 36.66
N GLU A 257 -18.71 21.90 36.84
CA GLU A 257 -19.17 21.04 35.75
C GLU A 257 -19.70 21.87 34.58
N GLY A 258 -19.41 21.42 33.37
CA GLY A 258 -19.92 22.08 32.18
C GLY A 258 -19.55 21.29 30.94
N VAL A 259 -20.02 21.80 29.79
CA VAL A 259 -19.70 21.15 28.52
C VAL A 259 -18.24 21.44 28.18
N THR A 260 -17.45 20.38 28.02
CA THR A 260 -15.99 20.50 28.01
C THR A 260 -15.44 20.25 26.61
N PHE A 261 -14.73 21.26 26.10
CA PHE A 261 -14.04 21.20 24.82
C PHE A 261 -12.54 21.08 25.09
N MET A 262 -11.88 20.29 24.26
CA MET A 262 -10.46 20.03 24.41
C MET A 262 -9.75 20.26 23.09
N PHE A 263 -8.56 20.86 23.15
CA PHE A 263 -7.66 20.97 22.01
C PHE A 263 -6.31 20.43 22.42
N ILE A 264 -5.65 19.70 21.52
CA ILE A 264 -4.28 19.25 21.75
C ILE A 264 -3.52 19.32 20.43
N GLY A 265 -2.40 20.01 20.45
CA GLY A 265 -1.60 20.19 19.25
C GLY A 265 -0.65 21.34 19.41
N ARG A 266 0.26 21.45 18.45
CA ARG A 266 1.28 22.48 18.49
C ARG A 266 0.66 23.87 18.32
N PHE A 267 1.24 24.85 19.02
CA PHE A 267 0.82 26.25 18.91
C PHE A 267 1.61 26.88 17.77
N ASP A 268 0.92 27.15 16.66
CA ASP A 268 1.56 27.69 15.47
C ASP A 268 0.51 28.44 14.66
N ARG A 269 0.97 29.16 13.64
CA ARG A 269 0.10 29.90 12.75
C ARG A 269 0.03 29.21 11.39
N GLY A 270 -1.19 29.08 10.87
CA GLY A 270 -1.37 28.50 9.54
C GLY A 270 -1.26 26.99 9.47
N GLN A 271 -1.23 26.30 10.61
CA GLN A 271 -1.03 24.85 10.60
C GLN A 271 -2.08 24.13 11.45
N LYS A 272 -1.88 24.08 12.76
CA LYS A 272 -2.78 23.32 13.63
C LYS A 272 -3.96 24.14 14.14
N GLY A 273 -3.99 25.45 13.91
CA GLY A 273 -5.19 26.23 14.12
C GLY A 273 -5.48 26.69 15.54
N VAL A 274 -4.51 26.64 16.46
CA VAL A 274 -4.80 27.11 17.81
C VAL A 274 -5.13 28.61 17.80
N ASP A 275 -4.59 29.36 16.84
CA ASP A 275 -4.95 30.78 16.74
C ASP A 275 -6.42 30.94 16.36
N VAL A 276 -6.93 30.05 15.52
CA VAL A 276 -8.36 30.09 15.18
C VAL A 276 -9.19 29.80 16.42
N LEU A 277 -8.78 28.82 17.23
CA LEU A 277 -9.54 28.49 18.43
C LEU A 277 -9.49 29.63 19.45
N LEU A 278 -8.35 30.32 19.54
CA LEU A 278 -8.27 31.42 20.51
C LEU A 278 -9.14 32.60 20.07
N LYS A 279 -9.17 32.89 18.76
CA LYS A 279 -10.09 33.90 18.27
C LYS A 279 -11.54 33.50 18.51
N ALA A 280 -11.85 32.21 18.35
CA ALA A 280 -13.22 31.75 18.60
C ALA A 280 -13.58 31.86 20.08
N ILE A 281 -12.62 31.60 20.96
CA ILE A 281 -12.90 31.74 22.39
C ILE A 281 -13.13 33.21 22.74
N GLU A 282 -12.36 34.11 22.12
CA GLU A 282 -12.58 35.53 22.36
C GLU A 282 -13.94 35.97 21.83
N ILE A 283 -14.39 35.39 20.72
CA ILE A 283 -15.72 35.73 20.21
C ILE A 283 -16.80 35.22 21.16
N LEU A 284 -16.65 34.00 21.67
CA LEU A 284 -17.66 33.43 22.56
C LEU A 284 -17.68 34.09 23.93
N SER A 285 -16.58 34.71 24.35
CA SER A 285 -16.47 35.17 25.73
C SER A 285 -17.51 36.23 26.07
N SER A 286 -17.99 36.98 25.09
CA SER A 286 -19.03 37.98 25.34
C SER A 286 -20.43 37.39 25.37
N LYS A 287 -20.61 36.13 24.94
CA LYS A 287 -21.94 35.51 24.93
C LYS A 287 -22.27 34.88 26.28
N LYS A 288 -23.57 34.84 26.60
CA LYS A 288 -23.99 34.23 27.86
C LYS A 288 -23.73 32.73 27.88
N GLU A 289 -23.81 32.08 26.72
CA GLU A 289 -23.54 30.65 26.65
C GLU A 289 -22.13 30.32 27.08
N PHE A 290 -21.22 31.30 27.00
CA PHE A 290 -19.84 31.09 27.39
C PHE A 290 -19.74 30.60 28.84
N GLN A 291 -20.71 30.98 29.68
CA GLN A 291 -20.67 30.55 31.07
C GLN A 291 -20.76 29.04 31.21
N GLU A 292 -21.42 28.38 30.27
CA GLU A 292 -21.66 26.95 30.35
C GLU A 292 -20.54 26.10 29.75
N MET A 293 -19.53 26.72 29.15
CA MET A 293 -18.47 26.00 28.45
C MET A 293 -17.21 25.92 29.31
N ARG A 294 -16.43 24.87 29.07
CA ARG A 294 -15.11 24.72 29.66
C ARG A 294 -14.14 24.37 28.56
N PHE A 295 -12.92 24.88 28.63
CA PHE A 295 -11.93 24.64 27.58
C PHE A 295 -10.63 24.16 28.20
N ILE A 296 -10.03 23.16 27.57
CA ILE A 296 -8.73 22.62 27.96
C ILE A 296 -7.85 22.67 26.73
N ILE A 297 -6.86 23.56 26.72
CA ILE A 297 -5.99 23.76 25.58
C ILE A 297 -4.61 23.21 25.94
N ILE A 298 -4.21 22.19 25.22
CA ILE A 298 -2.95 21.45 25.48
C ILE A 298 -2.02 21.64 24.30
N GLY A 299 -0.79 22.05 24.57
CA GLY A 299 0.20 22.26 23.52
C GLY A 299 1.27 23.26 23.89
N LYS A 300 2.20 23.47 22.98
CA LYS A 300 3.32 24.42 23.12
C LYS A 300 3.80 24.84 21.74
N GLY A 301 4.59 25.89 21.65
CA GLY A 301 5.01 26.36 20.32
C GLY A 301 5.30 27.84 20.33
N ASP A 302 4.73 28.54 19.37
CA ASP A 302 4.94 30.00 19.22
C ASP A 302 4.65 30.66 20.57
N PRO A 303 5.60 31.45 21.11
CA PRO A 303 5.45 32.11 22.39
C PRO A 303 4.29 33.11 22.40
N GLU A 304 4.05 33.78 21.28
CA GLU A 304 2.94 34.71 21.29
C GLU A 304 1.62 33.98 21.50
N LEU A 305 1.46 32.81 20.87
CA LEU A 305 0.24 32.04 21.06
C LEU A 305 0.16 31.45 22.48
N GLU A 306 1.31 31.07 23.05
CA GLU A 306 1.30 30.62 24.44
C GLU A 306 0.89 31.74 25.37
N GLY A 307 1.39 32.95 25.13
CA GLY A 307 1.02 34.08 25.97
C GLY A 307 -0.44 34.45 25.81
N TRP A 308 -0.96 34.35 24.58
CA TRP A 308 -2.38 34.60 24.35
C TRP A 308 -3.24 33.58 25.09
N ALA A 309 -2.84 32.31 25.04
CA ALA A 309 -3.61 31.28 25.74
C ALA A 309 -3.52 31.46 27.25
N ARG A 310 -2.36 31.86 27.77
CA ARG A 310 -2.23 32.07 29.20
C ARG A 310 -3.03 33.28 29.67
N SER A 311 -3.08 34.33 28.85
CA SER A 311 -3.90 35.48 29.21
C SER A 311 -5.38 35.12 29.18
N LEU A 312 -5.79 34.28 28.23
CA LEU A 312 -7.18 33.81 28.26
C LEU A 312 -7.43 32.93 29.49
N GLU A 313 -6.42 32.16 29.91
CA GLU A 313 -6.58 31.29 31.08
C GLU A 313 -6.71 32.09 32.36
N GLU A 314 -5.98 33.20 32.46
CA GLU A 314 -6.10 34.03 33.67
C GLU A 314 -7.34 34.91 33.63
N LYS A 315 -7.75 35.37 32.45
CA LYS A 315 -8.94 36.21 32.33
C LYS A 315 -10.22 35.44 32.64
N HIS A 316 -10.24 34.13 32.38
CA HIS A 316 -11.47 33.36 32.43
C HIS A 316 -11.29 32.11 33.29
N GLY A 317 -12.22 31.87 34.20
CA GLY A 317 -12.12 30.71 35.07
C GLY A 317 -12.55 29.40 34.43
N ASN A 318 -13.14 29.44 33.24
CA ASN A 318 -13.56 28.24 32.51
C ASN A 318 -12.57 27.84 31.42
N VAL A 319 -11.36 28.40 31.44
CA VAL A 319 -10.33 28.09 30.46
C VAL A 319 -9.08 27.61 31.20
N LYS A 320 -8.51 26.51 30.73
CA LYS A 320 -7.31 25.92 31.33
C LYS A 320 -6.33 25.62 30.21
N VAL A 321 -5.04 25.87 30.48
CA VAL A 321 -3.98 25.66 29.50
C VAL A 321 -2.93 24.76 30.11
N ILE A 322 -2.48 23.77 29.34
CA ILE A 322 -1.44 22.83 29.76
C ILE A 322 -0.36 22.86 28.69
N THR A 323 0.82 23.37 29.06
CA THR A 323 1.95 23.42 28.14
C THR A 323 2.97 22.30 28.37
N GLU A 324 2.92 21.60 29.50
CA GLU A 324 3.81 20.49 29.75
C GLU A 324 3.40 19.27 28.93
N MET A 325 4.38 18.45 28.58
CA MET A 325 4.08 17.22 27.85
C MET A 325 3.28 16.27 28.74
N LEU A 326 2.33 15.57 28.14
CA LEU A 326 1.48 14.65 28.86
C LEU A 326 1.71 13.24 28.35
N SER A 327 1.50 12.26 29.23
CA SER A 327 1.54 10.86 28.82
C SER A 327 0.33 10.55 27.93
N ARG A 328 0.50 9.54 27.08
CA ARG A 328 -0.63 9.11 26.27
C ARG A 328 -1.75 8.52 27.12
N GLU A 329 -1.45 8.02 28.32
CA GLU A 329 -2.51 7.53 29.21
C GLU A 329 -3.36 8.68 29.73
N PHE A 330 -2.74 9.80 30.10
CA PHE A 330 -3.53 10.95 30.53
C PHE A 330 -4.34 11.52 29.38
N VAL A 331 -3.77 11.52 28.17
CA VAL A 331 -4.51 12.00 27.00
C VAL A 331 -5.68 11.09 26.69
N ARG A 332 -5.49 9.78 26.85
CA ARG A 332 -6.62 8.86 26.65
C ARG A 332 -7.70 9.10 27.68
N GLU A 333 -7.30 9.43 28.91
CA GLU A 333 -8.28 9.76 29.94
C GLU A 333 -9.05 11.03 29.56
N LEU A 334 -8.35 12.02 29.00
CA LEU A 334 -9.01 13.25 28.56
C LEU A 334 -9.99 12.98 27.43
N TYR A 335 -9.59 12.18 26.44
CA TYR A 335 -10.46 11.86 25.32
C TYR A 335 -11.72 11.15 25.78
N GLY A 336 -11.61 10.35 26.84
CA GLY A 336 -12.72 9.60 27.38
C GLY A 336 -13.58 10.34 28.36
N SER A 337 -13.26 11.60 28.65
CA SER A 337 -13.98 12.37 29.64
C SER A 337 -14.59 13.65 29.09
N VAL A 338 -13.86 14.36 28.22
CA VAL A 338 -14.37 15.60 27.66
C VAL A 338 -15.55 15.32 26.73
N ASP A 339 -16.35 16.36 26.50
CA ASP A 339 -17.49 16.20 25.61
C ASP A 339 -17.07 16.29 24.14
N PHE A 340 -16.19 17.22 23.79
CA PHE A 340 -15.82 17.47 22.41
C PHE A 340 -14.33 17.75 22.32
N VAL A 341 -13.75 17.36 21.19
CA VAL A 341 -12.35 17.62 20.87
C VAL A 341 -12.32 18.51 19.65
N ILE A 342 -11.69 19.67 19.77
CA ILE A 342 -11.63 20.65 18.69
C ILE A 342 -10.32 20.46 17.92
N ILE A 343 -10.44 20.30 16.60
CA ILE A 343 -9.29 20.02 15.74
C ILE A 343 -9.31 21.05 14.61
N PRO A 344 -8.86 22.28 14.86
CA PRO A 344 -9.03 23.36 13.87
C PRO A 344 -7.88 23.46 12.87
N SER A 345 -7.39 22.32 12.37
CA SER A 345 -6.19 22.32 11.53
C SER A 345 -6.40 23.05 10.22
N TYR A 346 -5.41 23.85 9.82
CA TYR A 346 -5.36 24.32 8.44
C TYR A 346 -4.98 23.19 7.49
N PHE A 347 -4.25 22.20 7.99
CA PHE A 347 -3.62 21.18 7.16
C PHE A 347 -3.55 19.91 8.00
N GLU A 348 -4.20 18.86 7.54
CA GLU A 348 -4.29 17.61 8.30
C GLU A 348 -4.41 16.46 7.31
N PRO A 349 -3.28 16.01 6.74
CA PRO A 349 -3.36 14.97 5.70
C PRO A 349 -4.01 13.67 6.17
N PHE A 350 -3.85 13.28 7.43
CA PHE A 350 -4.29 11.94 7.82
C PHE A 350 -5.27 11.90 9.00
N GLY A 351 -5.15 12.79 9.97
CA GLY A 351 -6.22 12.86 10.96
C GLY A 351 -6.34 11.68 11.91
N LEU A 352 -5.21 11.10 12.33
CA LEU A 352 -5.21 10.10 13.38
C LEU A 352 -5.75 10.65 14.69
N VAL A 353 -5.61 11.96 14.93
CA VAL A 353 -6.11 12.54 16.17
C VAL A 353 -7.63 12.47 16.23
N ALA A 354 -8.30 12.59 15.07
CA ALA A 354 -9.75 12.42 15.06
C ALA A 354 -10.12 10.99 15.43
N LEU A 355 -9.38 10.01 14.93
CA LEU A 355 -9.66 8.62 15.26
C LEU A 355 -9.44 8.34 16.74
N GLU A 356 -8.42 8.96 17.33
CA GLU A 356 -8.17 8.78 18.76
C GLU A 356 -9.31 9.37 19.57
N ALA A 357 -9.78 10.56 19.20
CA ALA A 357 -10.88 11.16 19.95
C ALA A 357 -12.17 10.35 19.78
N MET A 358 -12.48 9.94 18.54
CA MET A 358 -13.73 9.23 18.29
C MET A 358 -13.74 7.85 18.94
N CYS A 359 -12.58 7.17 19.01
CA CYS A 359 -12.53 5.86 19.65
C CYS A 359 -12.86 5.96 21.13
N LEU A 360 -12.50 7.07 21.77
CA LEU A 360 -12.77 7.26 23.19
C LEU A 360 -14.13 7.90 23.47
N GLY A 361 -14.94 8.11 22.44
CA GLY A 361 -16.27 8.68 22.62
C GLY A 361 -16.34 10.19 22.63
N ALA A 362 -15.21 10.90 22.50
CA ALA A 362 -15.26 12.34 22.28
C ALA A 362 -15.75 12.64 20.87
N ILE A 363 -16.76 13.47 20.80
CA ILE A 363 -17.36 13.80 19.49
C ILE A 363 -16.47 14.88 18.94
N PRO A 364 -15.71 14.82 17.66
CA PRO A 364 -14.83 15.81 17.04
C PRO A 364 -15.57 17.05 16.54
N ILE A 365 -14.91 18.19 16.69
CA ILE A 365 -15.26 19.43 16.01
C ILE A 365 -14.02 19.85 15.23
N ALA A 366 -14.05 19.70 13.90
CA ALA A 366 -12.83 19.74 13.11
C ALA A 366 -13.01 20.55 11.85
N SER A 367 -11.90 21.11 11.37
CA SER A 367 -11.86 21.70 10.03
C SER A 367 -12.07 20.61 8.99
N ALA A 368 -12.84 20.93 7.95
CA ALA A 368 -13.04 19.99 6.86
C ALA A 368 -11.86 20.11 5.89
N VAL A 369 -10.76 19.45 6.25
CA VAL A 369 -9.58 19.35 5.39
C VAL A 369 -9.06 17.93 5.47
N GLY A 370 -8.57 17.42 4.33
CA GLY A 370 -7.75 16.22 4.34
C GLY A 370 -8.40 15.01 5.00
N GLY A 371 -7.63 14.37 5.87
CA GLY A 371 -8.12 13.16 6.53
C GLY A 371 -9.27 13.42 7.48
N LEU A 372 -9.35 14.62 8.05
CA LEU A 372 -10.49 14.96 8.89
C LEU A 372 -11.78 14.93 8.09
N ARG A 373 -11.77 15.58 6.92
CA ARG A 373 -12.92 15.55 6.03
C ARG A 373 -13.22 14.12 5.58
N ASP A 374 -12.20 13.28 5.44
CA ASP A 374 -12.45 11.89 5.05
C ASP A 374 -13.14 11.10 6.16
N ILE A 375 -12.69 11.27 7.41
CA ILE A 375 -13.15 10.40 8.49
C ILE A 375 -14.49 10.88 9.04
N ILE A 376 -14.57 12.15 9.42
CA ILE A 376 -15.77 12.66 10.09
C ILE A 376 -16.91 12.78 9.09
N THR A 377 -18.12 12.47 9.55
CA THR A 377 -19.34 12.59 8.77
C THR A 377 -20.34 13.42 9.57
N ASN A 378 -21.46 13.76 8.92
CA ASN A 378 -22.47 14.60 9.56
C ASN A 378 -23.03 13.94 10.81
N GLU A 379 -23.00 12.62 10.84
CA GLU A 379 -23.57 11.85 11.95
C GLU A 379 -22.50 11.47 12.98
N THR A 380 -21.24 11.79 12.71
CA THR A 380 -20.14 11.43 13.63
C THR A 380 -19.28 12.62 14.02
N GLY A 381 -19.76 13.84 13.85
CA GLY A 381 -18.95 15.00 14.27
C GLY A 381 -19.47 16.29 13.69
N ILE A 382 -18.81 17.39 14.03
CA ILE A 382 -19.15 18.70 13.48
C ILE A 382 -17.96 19.20 12.69
N LEU A 383 -18.20 19.62 11.45
CA LEU A 383 -17.15 20.04 10.53
C LEU A 383 -17.33 21.49 10.13
N VAL A 384 -16.22 22.21 10.00
CA VAL A 384 -16.23 23.63 9.70
C VAL A 384 -15.17 23.96 8.66
N LYS A 385 -15.36 25.11 8.02
CA LYS A 385 -14.35 25.63 7.10
C LYS A 385 -13.10 26.03 7.87
N ALA A 386 -11.94 25.64 7.34
CA ALA A 386 -10.68 25.92 8.01
C ALA A 386 -10.38 27.41 8.02
N GLY A 387 -9.77 27.88 9.10
CA GLY A 387 -9.32 29.25 9.18
C GLY A 387 -10.38 30.28 9.50
N ASP A 388 -11.58 29.88 9.93
CA ASP A 388 -12.68 30.81 10.17
C ASP A 388 -13.08 30.75 11.64
N PRO A 389 -12.58 31.66 12.47
CA PRO A 389 -12.95 31.64 13.90
C PRO A 389 -14.44 31.77 14.16
N GLY A 390 -15.17 32.51 13.31
CA GLY A 390 -16.60 32.68 13.55
C GLY A 390 -17.39 31.40 13.33
N GLU A 391 -17.06 30.66 12.26
CA GLU A 391 -17.74 29.38 12.07
C GLU A 391 -17.35 28.38 13.16
N LEU A 392 -16.13 28.44 13.67
CA LEU A 392 -15.75 27.56 14.77
C LEU A 392 -16.54 27.93 16.03
N ALA A 393 -16.75 29.22 16.27
CA ALA A 393 -17.53 29.62 17.43
C ALA A 393 -18.98 29.19 17.29
N ASN A 394 -19.53 29.30 16.09
CA ASN A 394 -20.89 28.82 15.86
C ASN A 394 -20.99 27.30 16.02
N ALA A 395 -19.95 26.57 15.62
CA ALA A 395 -19.95 25.12 15.81
C ALA A 395 -19.88 24.77 17.30
N ILE A 396 -19.15 25.57 18.08
CA ILE A 396 -19.10 25.33 19.52
C ILE A 396 -20.46 25.62 20.16
N LEU A 397 -21.15 26.67 19.69
CA LEU A 397 -22.49 26.94 20.20
C LEU A 397 -23.46 25.83 19.81
N LYS A 398 -23.29 25.27 18.61
CA LYS A 398 -24.12 24.14 18.19
C LYS A 398 -23.84 22.91 19.05
N ALA A 399 -22.58 22.68 19.40
CA ALA A 399 -22.25 21.57 20.30
C ALA A 399 -22.87 21.79 21.67
N LEU A 400 -22.92 23.04 22.13
CA LEU A 400 -23.58 23.31 23.39
C LEU A 400 -25.08 23.05 23.30
N GLU A 401 -25.71 23.39 22.17
CA GLU A 401 -27.13 23.08 22.01
C GLU A 401 -27.37 21.59 22.04
N LEU A 402 -26.50 20.82 21.36
CA LEU A 402 -26.64 19.36 21.35
C LEU A 402 -26.44 18.76 22.75
N SER A 403 -25.57 19.37 23.56
CA SER A 403 -25.28 18.82 24.88
C SER A 403 -26.48 18.84 25.82
N ARG A 404 -27.50 19.68 25.56
CA ARG A 404 -28.69 19.68 26.41
C ARG A 404 -29.42 18.35 26.35
N SER A 405 -29.33 17.65 25.22
CA SER A 405 -29.92 16.34 25.05
C SER A 405 -28.89 15.25 25.32
N ASP A 406 -29.36 14.01 25.36
CA ASP A 406 -28.46 12.88 25.50
C ASP A 406 -27.55 12.79 24.28
N LEU A 407 -26.25 12.54 24.49
CA LEU A 407 -25.27 12.46 23.37
C LEU A 407 -24.77 11.03 23.18
N SER A 408 -25.38 10.07 23.87
CA SER A 408 -24.89 8.67 23.82
C SER A 408 -24.90 8.15 22.39
N LYS A 409 -25.97 8.38 21.66
CA LYS A 409 -26.04 7.87 20.27
C LYS A 409 -24.94 8.53 19.44
N PHE A 410 -24.72 9.81 19.63
CA PHE A 410 -23.68 10.50 18.84
C PHE A 410 -22.33 9.86 19.15
N ARG A 411 -22.05 9.62 20.43
CA ARG A 411 -20.76 9.02 20.82
C ARG A 411 -20.67 7.61 20.22
N GLU A 412 -21.76 6.87 20.22
CA GLU A 412 -21.76 5.50 19.68
C GLU A 412 -21.45 5.56 18.19
N ASN A 413 -22.01 6.54 17.49
CA ASN A 413 -21.73 6.68 16.04
C ASN A 413 -20.25 7.01 15.85
N CYS A 414 -19.70 7.86 16.72
CA CYS A 414 -18.29 8.22 16.52
C CYS A 414 -17.43 6.98 16.69
N LYS A 415 -17.66 6.22 17.74
CA LYS A 415 -16.85 5.04 18.02
C LYS A 415 -16.99 4.00 16.91
N LYS A 416 -18.22 3.80 16.41
CA LYS A 416 -18.44 2.82 15.36
C LYS A 416 -17.76 3.24 14.06
N ARG A 417 -17.83 4.52 13.73
CA ARG A 417 -17.16 5.00 12.52
C ARG A 417 -15.65 4.85 12.65
N ALA A 418 -15.10 5.18 13.83
CA ALA A 418 -13.65 5.06 13.98
C ALA A 418 -13.21 3.60 13.91
N MET A 419 -14.01 2.68 14.45
CA MET A 419 -13.65 1.27 14.39
C MET A 419 -13.73 0.74 12.95
N SER A 420 -14.82 1.04 12.25
CA SER A 420 -14.96 0.52 10.90
C SER A 420 -13.95 1.14 9.94
N PHE A 421 -13.58 2.41 10.15
CA PHE A 421 -12.50 2.99 9.35
C PHE A 421 -11.17 2.31 9.63
N SER A 422 -10.94 1.91 10.87
CA SER A 422 -9.66 1.27 11.21
C SER A 422 -9.59 -0.15 10.68
N GLU A 423 -10.79 -0.79 10.61
CA GLU A 423 -10.84 -2.15 10.07
C GLU A 423 -10.47 -2.15 8.59
N GLN A 424 -11.02 -1.20 7.83
CA GLN A 424 -10.69 -1.09 6.41
C GLN A 424 -9.21 -0.80 6.21
N VAL A 425 -8.63 0.04 7.08
CA VAL A 425 -7.23 0.41 6.93
C VAL A 425 -6.33 -0.80 7.13
N SER A 426 -6.61 -1.61 8.15
CA SER A 426 -5.78 -2.78 8.42
C SER A 426 -5.85 -3.79 7.28
N ALA A 427 -7.07 -4.01 6.76
CA ALA A 427 -7.23 -4.99 5.68
C ALA A 427 -6.52 -4.53 4.41
N ALA A 428 -6.65 -3.24 4.07
CA ALA A 428 -5.92 -2.72 2.92
C ALA A 428 -4.41 -2.79 3.15
N ARG A 429 -3.96 -2.57 4.39
CA ARG A 429 -2.53 -2.64 4.67
C ARG A 429 -2.00 -4.05 4.45
N LYS A 430 -2.82 -5.05 4.76
CA LYS A 430 -2.37 -6.44 4.54
C LYS A 430 -2.26 -6.76 3.06
N VAL A 431 -3.27 -6.34 2.27
CA VAL A 431 -3.19 -6.60 0.83
C VAL A 431 -2.01 -5.86 0.22
N VAL A 432 -1.76 -4.62 0.67
CA VAL A 432 -0.67 -3.84 0.10
C VAL A 432 0.67 -4.43 0.51
N LYS A 433 0.79 -4.95 1.73
CA LYS A 433 2.03 -5.60 2.12
C LYS A 433 2.30 -6.82 1.26
N MET A 434 1.24 -7.56 0.92
CA MET A 434 1.44 -8.72 0.06
C MET A 434 1.95 -8.31 -1.32
N MET A 435 1.32 -7.30 -1.93
CA MET A 435 1.79 -6.89 -3.25
C MET A 435 3.19 -6.29 -3.21
N ILE A 436 3.55 -5.64 -2.10
CA ILE A 436 4.91 -5.12 -2.00
C ILE A 436 5.90 -6.27 -1.94
N VAL A 437 5.56 -7.34 -1.22
CA VAL A 437 6.44 -8.50 -1.19
C VAL A 437 6.56 -9.11 -2.59
N VAL A 438 5.46 -9.10 -3.36
CA VAL A 438 5.50 -9.62 -4.72
C VAL A 438 6.49 -8.81 -5.57
N VAL A 439 6.37 -7.48 -5.53
CA VAL A 439 7.18 -6.65 -6.39
C VAL A 439 8.65 -6.68 -5.97
N CYS A 440 8.91 -6.70 -4.66
CA CYS A 440 10.30 -6.79 -4.21
C CYS A 440 10.93 -8.12 -4.63
N THR A 441 10.15 -9.19 -4.60
CA THR A 441 10.67 -10.50 -5.02
C THR A 441 11.02 -10.49 -6.51
N PHE A 442 10.15 -9.90 -7.33
CA PHE A 442 10.44 -9.73 -8.75
C PHE A 442 11.72 -8.92 -8.96
N ALA A 443 11.86 -7.83 -8.21
CA ALA A 443 13.04 -6.97 -8.36
C ALA A 443 14.32 -7.71 -8.01
N ILE A 444 14.29 -8.49 -6.93
CA ILE A 444 15.46 -9.24 -6.52
C ILE A 444 15.80 -10.32 -7.53
N CYS A 445 14.78 -11.05 -8.00
CA CYS A 445 15.03 -12.17 -8.90
C CYS A 445 15.60 -11.70 -10.23
N TRP A 446 15.19 -10.53 -10.72
CA TRP A 446 15.65 -10.11 -12.04
C TRP A 446 16.84 -9.16 -12.02
N LEU A 447 17.22 -8.57 -10.87
CA LEU A 447 18.39 -7.68 -10.89
C LEU A 447 19.68 -8.35 -11.35
N PRO A 448 20.11 -9.49 -10.79
CA PRO A 448 21.36 -10.10 -11.28
C PRO A 448 21.32 -10.44 -12.76
N PHE A 449 20.16 -10.84 -13.29
CA PHE A 449 20.04 -11.19 -14.70
C PHE A 449 20.31 -9.99 -15.60
N HIS A 450 19.64 -8.87 -15.31
CA HIS A 450 19.86 -7.68 -16.11
C HIS A 450 21.25 -7.11 -15.90
N ILE A 451 21.82 -7.23 -14.70
CA ILE A 451 23.21 -6.79 -14.52
C ILE A 451 24.14 -7.65 -15.36
N PHE A 452 23.89 -8.95 -15.41
CA PHE A 452 24.75 -9.84 -16.19
C PHE A 452 24.72 -9.47 -17.66
N PHE A 453 23.55 -9.07 -18.17
CA PHE A 453 23.49 -8.73 -19.59
C PHE A 453 23.79 -7.26 -19.90
N LEU A 454 23.82 -6.38 -18.89
CA LEU A 454 24.21 -4.99 -19.13
C LEU A 454 25.68 -4.72 -18.82
N LEU A 455 26.33 -5.62 -18.08
CA LEU A 455 27.74 -5.44 -17.76
C LEU A 455 28.65 -5.26 -18.97
N PRO A 456 28.49 -6.00 -20.08
CA PRO A 456 29.43 -5.79 -21.20
C PRO A 456 29.48 -4.36 -21.70
N TYR A 457 28.35 -3.63 -21.65
CA TYR A 457 28.38 -2.22 -22.03
C TYR A 457 29.25 -1.41 -21.07
N ILE A 458 29.25 -1.77 -19.79
CA ILE A 458 29.98 -1.00 -18.78
C ILE A 458 31.43 -1.44 -18.68
N ASN A 459 31.69 -2.74 -18.75
CA ASN A 459 33.03 -3.29 -18.61
C ASN A 459 33.07 -4.62 -19.35
N PRO A 460 33.38 -4.59 -20.65
CA PRO A 460 33.27 -5.83 -21.44
C PRO A 460 34.33 -6.86 -21.09
N ASP A 461 34.13 -7.57 -19.97
CA ASP A 461 35.01 -8.67 -19.54
C ASP A 461 34.13 -9.77 -18.93
N LEU A 462 33.46 -10.54 -19.79
CA LEU A 462 32.66 -11.67 -19.35
C LEU A 462 33.37 -12.98 -19.66
N LEU A 464 36.89 -13.06 -19.81
CA LEU A 464 37.37 -13.89 -18.71
C LEU A 464 36.28 -14.81 -18.20
N LYS A 465 36.53 -16.13 -18.28
CA LYS A 465 35.57 -17.10 -17.78
C LYS A 465 35.30 -16.86 -16.31
N LYS A 466 36.27 -17.16 -15.44
CA LYS A 466 36.14 -16.90 -14.01
C LYS A 466 34.86 -17.52 -13.45
N PHE A 467 34.66 -18.82 -13.75
CA PHE A 467 33.47 -19.57 -13.35
C PHE A 467 32.20 -18.95 -13.92
N ILE A 468 32.26 -18.35 -15.12
CA ILE A 468 31.10 -17.61 -15.61
C ILE A 468 29.92 -18.53 -15.89
N GLN A 469 30.16 -19.78 -16.30
CA GLN A 469 29.03 -20.67 -16.58
C GLN A 469 28.29 -21.03 -15.30
N GLN A 470 29.02 -21.20 -14.20
CA GLN A 470 28.35 -21.43 -12.92
C GLN A 470 27.60 -20.18 -12.49
N VAL A 471 28.20 -19.01 -12.67
CA VAL A 471 27.53 -17.75 -12.36
C VAL A 471 26.31 -17.57 -13.25
N TYR A 472 26.42 -17.97 -14.51
CA TYR A 472 25.28 -17.82 -15.42
C TYR A 472 24.16 -18.77 -15.05
N LEU A 473 24.48 -20.01 -14.69
CA LEU A 473 23.44 -20.96 -14.29
C LEU A 473 22.76 -20.50 -13.01
N ALA A 474 23.51 -19.89 -12.10
CA ALA A 474 22.91 -19.39 -10.86
C ALA A 474 22.00 -18.20 -11.11
N ILE A 475 22.48 -17.24 -11.90
CA ILE A 475 21.69 -16.05 -12.18
C ILE A 475 20.44 -16.41 -12.97
N MET A 476 20.57 -17.31 -13.96
CA MET A 476 19.38 -17.72 -14.69
C MET A 476 18.43 -18.52 -13.81
N TRP A 477 18.96 -19.31 -12.86
CA TRP A 477 18.06 -20.02 -11.96
C TRP A 477 17.25 -19.04 -11.12
N LEU A 478 17.89 -18.00 -10.60
CA LEU A 478 17.15 -17.03 -9.80
C LEU A 478 16.07 -16.34 -10.64
N ALA A 479 16.45 -15.94 -11.87
CA ALA A 479 15.50 -15.25 -12.73
C ALA A 479 14.31 -16.14 -13.04
N MET A 480 14.57 -17.39 -13.45
CA MET A 480 13.47 -18.30 -13.77
C MET A 480 12.64 -18.64 -12.54
N SER A 481 13.27 -18.70 -11.36
CA SER A 481 12.56 -19.04 -10.14
C SER A 481 11.56 -17.97 -9.76
N SER A 482 11.75 -16.75 -10.28
CA SER A 482 10.75 -15.72 -10.04
C SER A 482 9.33 -16.18 -10.39
N THR A 483 9.19 -17.15 -11.30
CA THR A 483 7.88 -17.62 -11.72
C THR A 483 7.18 -18.52 -10.70
N MET A 484 7.88 -18.99 -9.65
CA MET A 484 7.25 -19.88 -8.68
C MET A 484 6.87 -19.20 -7.35
N TYR A 485 7.27 -17.95 -7.11
CA TYR A 485 7.12 -17.41 -5.76
C TYR A 485 5.73 -16.85 -5.46
N ASN A 486 5.05 -16.26 -6.45
CA ASN A 486 3.79 -15.57 -6.17
C ASN A 486 2.73 -16.47 -5.55
N PRO A 487 2.46 -17.69 -6.03
CA PRO A 487 1.49 -18.54 -5.31
C PRO A 487 1.89 -18.81 -3.88
N ILE A 488 3.20 -18.92 -3.60
CA ILE A 488 3.63 -19.13 -2.22
C ILE A 488 3.38 -17.88 -1.38
N ILE A 489 3.64 -16.71 -1.96
CA ILE A 489 3.38 -15.44 -1.28
C ILE A 489 1.89 -15.29 -0.98
N TYR A 490 1.04 -15.67 -1.94
CA TYR A 490 -0.40 -15.57 -1.71
C TYR A 490 -0.85 -16.53 -0.61
N CYS A 491 -0.31 -17.75 -0.63
CA CYS A 491 -0.67 -18.72 0.41
C CYS A 491 -0.22 -18.25 1.79
N CYS A 492 0.91 -17.53 1.87
CA CYS A 492 1.41 -17.11 3.17
C CYS A 492 0.71 -15.85 3.70
N LEU A 493 0.33 -14.93 2.82
CA LEU A 493 -0.07 -13.60 3.25
C LEU A 493 -1.53 -13.26 2.97
N ASN A 494 -2.35 -14.23 2.55
CA ASN A 494 -3.74 -13.96 2.22
C ASN A 494 -4.59 -15.14 2.66
N ASP A 495 -5.58 -14.86 3.52
CA ASP A 495 -6.40 -15.93 4.08
C ASP A 495 -7.20 -16.67 3.02
N ARG A 496 -7.71 -15.94 2.02
CA ARG A 496 -8.52 -16.59 1.01
C ARG A 496 -7.69 -17.53 0.15
N PHE A 497 -6.49 -17.09 -0.24
CA PHE A 497 -5.62 -17.98 -1.03
C PHE A 497 -5.12 -19.16 -0.21
N ARG A 498 -4.88 -18.97 1.09
CA ARG A 498 -4.48 -20.12 1.90
C ARG A 498 -5.62 -21.12 2.02
N LEU A 499 -6.85 -20.64 2.18
CA LEU A 499 -8.00 -21.54 2.20
C LEU A 499 -8.15 -22.25 0.86
N GLY A 500 -7.85 -21.56 -0.23
CA GLY A 500 -7.94 -22.20 -1.53
C GLY A 500 -6.90 -23.28 -1.71
N PHE A 501 -5.67 -23.04 -1.24
CA PHE A 501 -4.64 -24.06 -1.31
C PHE A 501 -4.96 -25.25 -0.40
N LYS A 502 -5.58 -25.00 0.75
CA LYS A 502 -6.02 -26.11 1.58
C LYS A 502 -7.08 -26.93 0.87
N HIS A 503 -8.04 -26.27 0.21
CA HIS A 503 -9.06 -26.99 -0.54
C HIS A 503 -8.44 -27.77 -1.69
N ALA A 504 -7.40 -27.21 -2.32
CA ALA A 504 -6.76 -27.89 -3.45
C ALA A 504 -5.95 -29.10 -3.00
N PHE A 505 -5.39 -29.07 -1.79
CA PHE A 505 -4.55 -30.16 -1.32
C PHE A 505 -5.16 -30.93 -0.15
N ARG A 506 -6.48 -30.85 0.01
CA ARG A 506 -7.20 -31.63 1.03
C ARG A 506 -6.80 -33.11 1.17
N YCM A 507 -6.41 -33.75 0.07
CA YCM A 507 -6.02 -35.20 0.11
CB YCM A 507 -5.66 -35.70 -1.29
SG YCM A 507 -4.29 -34.79 -1.90
CD YCM A 507 -4.79 -34.81 -3.58
CE YCM A 507 -5.58 -33.54 -3.85
OZ1 YCM A 507 -6.16 -32.98 -2.95
NZ2 YCM A 507 -5.57 -33.10 -5.11
C YCM A 507 -4.86 -35.45 1.04
O YCM A 507 -4.86 -36.43 1.79
N CYS A 508 -3.87 -34.57 1.00
CA CYS A 508 -2.68 -34.69 1.83
C CYS A 508 -3.02 -34.75 3.32
N PRO A 509 -2.27 -35.55 4.08
CA PRO A 509 -2.57 -35.74 5.51
C PRO A 509 -2.11 -34.57 6.38
N PHE A 510 -2.59 -33.37 6.03
CA PHE A 510 -2.41 -32.19 6.88
C PHE A 510 -3.74 -31.47 7.03
N ILE A 511 -4.31 -31.05 5.90
CA ILE A 511 -5.55 -30.28 5.91
C ILE A 511 -6.71 -31.18 6.31
N SER A 512 -7.67 -30.61 7.05
CA SER A 512 -8.88 -31.34 7.43
C SER A 512 -10.12 -30.66 6.87
C10 GAW B . 21.64 -9.76 -25.17
C13 GAW B . 19.53 -11.47 -24.04
C15 GAW B . 18.80 -13.19 -22.30
C20 GAW B . 16.91 -15.37 -24.27
C21 GAW B . 15.60 -13.88 -22.64
C22 GAW B . 15.06 -12.70 -22.14
C24 GAW B . 14.40 -13.70 -20.03
C26 GAW B . 15.51 -14.99 -21.77
C01 GAW B . 17.06 -8.72 -25.21
C02 GAW B . 17.19 -8.76 -23.72
C03 GAW B . 16.18 -8.17 -22.94
C04 GAW B . 16.21 -8.17 -21.55
C05 GAW B . 17.28 -8.77 -20.91
C06 GAW B . 18.30 -9.36 -21.68
C07 GAW B . 18.31 -9.39 -23.08
C08 GAW B . 19.45 -10.04 -23.86
C09 GAW B . 20.50 -9.24 -24.43
C12 GAW B . 20.67 -11.89 -24.80
C16 GAW B . 17.38 -12.87 -24.37
C18 GAW B . 16.24 -13.98 -24.08
C19 GAW B . 15.15 -13.75 -25.12
C23 GAW B . 14.47 -12.60 -20.87
C25 GAW B . 14.92 -14.91 -20.50
C27 GAW B . 14.85 -16.18 -19.56
C31 GAW B . 13.88 -11.23 -20.37
C36 GAW B . 23.14 -7.57 -25.22
C37 GAW B . 24.26 -7.63 -24.17
C39 GAW B . 25.33 -8.73 -26.17
C40 GAW B . 24.00 -9.49 -26.38
C41 GAW B . 25.73 -9.50 -23.93
F28 GAW B . 13.97 -17.05 -20.01
F29 GAW B . 14.49 -15.89 -18.34
F30 GAW B . 16.00 -16.81 -19.45
F32 GAW B . 14.46 -10.83 -19.28
F33 GAW B . 14.05 -10.23 -21.23
F34 GAW B . 12.60 -11.26 -20.17
N11 GAW B . 21.65 -11.13 -25.32
N14 GAW B . 18.55 -12.50 -23.56
N35 GAW B . 22.72 -8.92 -25.77
N38 GAW B . 25.49 -8.26 -24.74
O17 GAW B . 17.24 -12.27 -25.42
C1 CIT C . 15.00 -26.61 -38.80
O1 CIT C . 15.89 -25.91 -39.35
O2 CIT C . 15.11 -27.01 -37.61
C2 CIT C . 13.76 -26.95 -39.60
C3 CIT C . 12.66 -27.37 -38.64
O7 CIT C . 13.22 -28.22 -37.63
C4 CIT C . 12.11 -26.06 -38.08
C5 CIT C . 10.96 -26.19 -37.14
O3 CIT C . 10.60 -27.32 -36.75
O4 CIT C . 10.40 -25.14 -36.77
C6 CIT C . 11.61 -28.16 -39.37
O5 CIT C . 11.39 -27.89 -40.58
O6 CIT C . 10.97 -29.04 -38.74
C1 OLA D . 9.70 0.28 6.45
O1 OLA D . 10.71 0.46 5.72
O2 OLA D . 9.62 0.69 7.64
C2 OLA D . 8.56 -0.50 5.84
C3 OLA D . 8.60 -0.32 4.32
C4 OLA D . 9.40 -1.40 3.60
C5 OLA D . 9.16 -1.32 2.08
C6 OLA D . 9.79 -2.51 1.35
C7 OLA D . 11.24 -2.25 0.96
C8 OLA D . 11.32 -1.26 -0.19
C9 OLA D . 12.78 -0.90 -0.45
C1 OLA E . 6.32 2.37 2.66
O1 OLA E . 6.55 3.37 3.37
O2 OLA E . 5.23 1.74 2.68
C2 OLA E . 7.39 1.87 1.73
C3 OLA E . 6.75 1.22 0.51
C4 OLA E . 7.83 0.85 -0.50
C5 OLA E . 7.24 0.21 -1.75
C6 OLA E . 8.23 0.35 -2.89
C7 OLA E . 8.27 -0.90 -3.77
C8 OLA E . 9.72 -1.23 -4.12
C9 OLA E . 9.76 -2.07 -5.37
C10 OLA E . 10.69 -1.84 -6.30
C11 OLA E . 11.68 -0.72 -6.14
C12 OLA E . 13.06 -1.19 -6.62
C1 OLA F . 9.12 -14.92 -39.07
O1 OLA F . 9.31 -15.05 -40.30
O2 OLA F . 10.03 -15.02 -38.22
C2 OLA F . 7.72 -14.63 -38.58
C3 OLA F . 7.79 -14.03 -37.19
C4 OLA F . 7.59 -15.06 -36.09
C5 OLA F . 7.69 -14.44 -34.70
C6 OLA F . 7.05 -15.32 -33.64
C7 OLA F . 7.49 -16.77 -33.81
C8 OLA F . 6.63 -17.71 -32.98
C9 OLA F . 7.11 -17.72 -31.55
C10 OLA F . 6.26 -17.52 -30.55
C11 OLA F . 4.80 -17.28 -30.82
C12 OLA F . 3.96 -17.83 -29.67
C13 OLA F . 2.96 -16.78 -29.20
C14 OLA F . 1.66 -17.42 -28.71
C15 OLA F . 1.91 -18.37 -27.55
C2 OLA G . -3.82 -30.68 -6.61
C3 OLA G . -3.86 -29.87 -7.90
C4 OLA G . -2.59 -30.07 -8.69
C5 OLA G . -2.64 -29.32 -10.03
C6 OLA G . -1.55 -29.84 -10.95
C7 OLA G . -1.50 -29.05 -12.25
C8 OLA G . -0.58 -29.73 -13.26
C8 OLA H . -0.11 1.28 -15.82
C9 OLA H . -1.24 0.28 -15.81
C10 OLA H . -1.56 -0.37 -16.92
C11 OLA H . -0.79 -0.12 -18.20
C12 OLA H . -0.94 -1.32 -19.13
C13 OLA H . -0.62 -0.94 -20.57
C14 OLA H . 0.86 -1.07 -20.88
C15 OLA H . 1.57 0.29 -20.81
C16 OLA H . 2.96 0.21 -21.46
C17 OLA H . 3.72 1.51 -21.27
C18 OLA H . 4.93 1.57 -22.18
C2 OLA I . -2.41 12.16 -7.63
C3 OLA I . -2.30 12.79 -9.01
C4 OLA I . -0.97 12.41 -9.66
C5 OLA I . 0.22 12.81 -8.79
C6 OLA I . 1.53 12.36 -9.44
C7 OLA I . 2.71 13.04 -8.74
C8 OLA I . 3.97 12.18 -8.85
C9 OLA I . 4.53 12.23 -10.25
C10 OLA I . 5.83 12.08 -10.45
C11 OLA I . 6.75 11.86 -9.27
C13 OLA J . -7.25 -23.22 -14.88
C14 OLA J . -8.39 -23.53 -13.91
C15 OLA J . -9.73 -23.12 -14.51
C16 OLA J . -10.88 -23.48 -13.58
C17 OLA J . -12.22 -23.11 -14.20
C18 OLA J . -13.34 -23.90 -13.56
C6 OLA K . 16.20 -15.01 -3.25
C7 OLA K . 15.13 -16.01 -3.69
C8 OLA K . 13.73 -15.47 -3.42
C9 OLA K . 13.66 -14.90 -2.02
C10 OLA K . 12.49 -14.51 -1.50
C11 OLA K . 11.22 -14.66 -2.29
C12 OLA K . 10.02 -14.79 -1.35
C13 OLA K . 9.91 -16.20 -0.76
C14 OLA K . 8.54 -16.43 -0.12
C15 OLA K . 8.20 -15.36 0.91
C16 OLA K . 6.90 -15.70 1.64
C17 OLA K . 6.32 -14.48 2.35
C18 OLA K . 7.20 -14.05 3.51
C3 OLA L . 21.20 3.48 -26.50
C4 OLA L . 19.90 4.26 -26.66
C5 OLA L . 18.93 3.95 -25.51
C6 OLA L . 17.57 4.59 -25.75
C7 OLA L . 16.85 4.90 -24.44
C8 OLA L . 15.66 3.99 -24.20
C9 OLA L . 15.03 4.35 -22.87
C10 OLA L . 13.71 4.35 -22.70
C11 OLA L . 12.75 3.99 -23.80
C12 OLA L . 11.48 3.38 -23.21
C10 OLC M . 11.98 -8.07 1.29
C9 OLC M . 11.12 -7.07 1.37
C11 OLC M . 11.47 -9.46 0.96
C8 OLC M . 9.66 -7.35 1.11
C24 OLC M . 1.32 -0.68 4.32
C12 OLC M . 11.86 -9.81 -0.47
C7 OLC M . 8.82 -6.14 1.49
C13 OLC M . 11.44 -11.24 -0.79
C6 OLC M . 8.65 -6.00 2.99
C5 OLC M . 7.36 -5.24 3.24
C4 OLC M . 7.28 -4.70 4.66
C3 OLC M . 6.10 -3.74 4.77
C2 OLC M . 6.07 -2.80 3.57
C21 OLC M . 2.77 -2.68 4.53
C1 OLC M . 4.93 -1.83 3.70
C22 OLC M . 2.27 -1.44 5.24
O19 OLC M . 5.13 -0.68 4.04
O25 OLC M . 1.15 0.65 4.80
O23 OLC M . 1.64 -1.86 6.45
O20 OLC M . 3.58 -2.28 3.44
C10 OLC N . 5.00 8.33 -10.81
C9 OLC N . 3.73 8.63 -11.06
C11 OLC N . 5.76 7.38 -11.69
C8 OLC N . 2.96 8.04 -12.21
C24 OLC N . -5.95 13.75 -9.04
C16 OLC N . 9.83 7.87 -15.21
C12 OLC N . 7.24 7.70 -11.60
C7 OLC N . 1.52 7.82 -11.78
C15 OLC N . 8.32 7.68 -15.32
C13 OLC N . 7.99 7.27 -12.86
C6 OLC N . 0.83 9.14 -11.49
C14 OLC N . 7.60 8.14 -14.05
C5 OLC N . -0.37 8.96 -10.56
C4 OLC N . -1.63 8.53 -11.31
C3 OLC N . -2.69 9.63 -11.27
C2 OLC N . -4.09 9.01 -11.20
C21 OLC N . -6.33 12.15 -10.92
C1 OLC N . -5.14 10.05 -11.50
C22 OLC N . -5.98 13.58 -10.56
O19 OLC N . -5.96 9.85 -12.39
O25 OLC N . -5.92 15.15 -8.72
O23 OLC N . -4.69 13.90 -11.09
O20 OLC N . -5.21 11.29 -10.74
C10 OLC O . 15.49 -29.96 -16.23
C9 OLC O . 15.58 -30.56 -17.41
C8 OLC O . 16.93 -31.00 -17.92
C24 OLC O . 26.91 -31.33 -21.83
C7 OLC O . 16.81 -32.37 -18.58
C6 OLC O . 18.17 -33.07 -18.54
C5 OLC O . 18.57 -33.59 -19.92
C4 OLC O . 20.09 -33.58 -20.04
C3 OLC O . 20.63 -32.18 -19.76
C2 OLC O . 22.15 -32.16 -19.60
C21 OLC O . 24.92 -32.79 -22.23
C1 OLC O . 22.83 -32.22 -20.94
C22 OLC O . 26.43 -32.77 -21.96
O19 OLC O . 22.22 -32.04 -21.97
O25 OLC O . 28.34 -31.30 -21.81
O23 OLC O . 26.68 -33.47 -20.74
O20 OLC O . 24.26 -32.52 -21.00
C10 OLC P . 7.33 13.50 -6.20
C9 OLC P . 6.80 13.00 -5.08
C8 OLC P . 5.66 13.71 -4.38
C24 OLC P . -6.64 13.93 -3.59
C7 OLC P . 4.56 12.71 -4.06
C6 OLC P . 3.24 13.39 -3.72
C5 OLC P . 2.13 12.36 -3.68
C4 OLC P . 0.77 12.98 -3.40
C3 OLC P . -0.33 11.93 -3.59
C2 OLC P . -1.66 12.38 -2.99
C21 OLC P . -4.42 14.60 -4.53
C1 OLC P . -2.41 13.25 -3.97
C22 OLC P . -5.87 14.22 -4.87
O19 OLC P . -1.85 13.72 -4.95
O25 OLC P . -7.92 13.39 -3.92
O23 OLC P . -6.50 15.31 -5.57
O20 OLC P . -3.82 13.56 -3.76
C8 OLC Q . -0.79 -15.48 -25.69
C24 OLC Q . -9.51 -12.79 -17.54
C7 OLC Q . -1.44 -15.16 -24.35
C6 OLC Q . -2.87 -14.65 -24.53
C5 OLC Q . -3.46 -14.24 -23.18
C4 OLC Q . -4.95 -13.93 -23.27
C3 OLC Q . -5.55 -13.78 -21.87
C2 OLC Q . -4.93 -14.77 -20.89
C21 OLC Q . -7.46 -13.23 -18.90
C1 OLC Q . -5.75 -14.87 -19.63
C22 OLC Q . -8.09 -13.36 -17.51
O19 OLC Q . -6.16 -15.95 -19.23
O25 OLC Q . -10.41 -13.70 -16.90
O23 OLC Q . -8.15 -14.74 -17.17
O20 OLC Q . -6.11 -13.68 -18.86
C1 PEG R . 33.22 -24.93 -33.24
O1 PEG R . 33.10 -26.33 -33.46
C2 PEG R . 32.63 -24.16 -34.41
O2 PEG R . 31.21 -24.21 -34.36
C3 PEG R . 30.73 -23.46 -33.25
C4 PEG R . 29.22 -23.39 -33.28
O4 PEG R . 28.75 -23.37 -31.93
C1 PEG S . 8.52 -23.98 -39.37
O1 PEG S . 7.42 -24.10 -38.48
C2 PEG S . 9.24 -22.67 -39.13
O2 PEG S . 8.37 -21.78 -38.41
C3 PEG S . 9.01 -20.55 -38.08
C4 PEG S . 8.12 -19.78 -37.11
O4 PEG S . 7.37 -18.79 -37.81
C1 PEG T . 13.02 -30.09 -24.73
O1 PEG T . 14.12 -30.95 -24.42
C2 PEG T . 12.38 -30.53 -26.05
O2 PEG T . 11.85 -29.38 -26.74
C3 PEG T . 10.89 -29.77 -27.72
C4 PEG T . 10.94 -28.81 -28.91
O4 PEG T . 12.06 -29.17 -29.73
C1 PEG U . 8.91 -1.95 -30.60
O1 PEG U . 7.61 -2.42 -30.24
C2 PEG U . 9.46 -2.79 -31.76
O2 PEG U . 8.41 -3.00 -32.71
C3 PEG U . 8.89 -3.48 -33.96
C4 PEG U . 7.72 -3.86 -34.85
O4 PEG U . 6.94 -4.89 -34.23
C1 PEG V . 21.65 -18.34 -6.62
O1 PEG V . 20.47 -19.03 -6.19
C2 PEG V . 21.33 -16.87 -6.85
O2 PEG V . 22.52 -16.17 -7.21
C3 PEG V . 22.25 -14.82 -7.60
C4 PEG V . 23.55 -14.05 -7.74
O4 PEG V . 24.35 -14.63 -8.76
C1 PEG W . -22.07 25.19 12.92
O1 PEG W . -22.16 23.78 12.78
C2 PEG W . -21.57 25.83 11.63
O2 PEG W . -21.66 27.24 11.75
C3 PEG W . -22.00 27.87 10.51
C4 PEG W . -22.78 29.15 10.81
O4 PEG W . -23.85 28.85 11.70
C1 PEG X . 20.79 -26.65 -38.84
O1 PEG X . 19.39 -26.92 -38.77
C2 PEG X . 21.11 -26.09 -40.22
O2 PEG X . 20.51 -24.80 -40.32
C3 PEG X . 20.09 -24.53 -41.65
C4 PEG X . 19.75 -23.05 -41.80
O4 PEG X . 20.95 -22.28 -41.89
C1 PEG Y . 4.94 -24.25 -26.45
O1 PEG Y . 4.55 -23.48 -27.59
C2 PEG Y . 6.32 -24.87 -26.68
O2 PEG Y . 6.33 -25.61 -27.90
C3 PEG Y . 7.42 -26.52 -27.93
C4 PEG Y . 7.42 -27.26 -29.28
O4 PEG Y . 7.84 -26.36 -30.31
C1 PEG Z . -9.98 2.85 2.93
O1 PEG Z . -8.68 2.25 2.97
C2 PEG Z . -9.94 4.21 3.63
O2 PEG Z . -8.83 4.94 3.11
C3 PEG Z . -8.80 6.30 3.57
C4 PEG Z . -7.56 6.98 3.04
O4 PEG Z . -7.53 8.33 3.51
C1 PEG AA . 28.20 -25.96 -8.90
O1 PEG AA . 28.82 -25.81 -7.62
C2 PEG AA . 26.95 -26.85 -8.76
O2 PEG AA . 26.02 -26.25 -7.86
C3 PEG AA . 24.72 -26.80 -8.02
C4 PEG AA . 23.78 -26.20 -6.98
O4 PEG AA . 22.43 -26.52 -7.31
C1 PEG BA . 4.31 -34.00 -9.93
O1 PEG BA . 5.28 -34.14 -8.88
C2 PEG BA . 2.92 -34.20 -9.33
O2 PEG BA . 2.64 -33.11 -8.45
C3 PEG BA . 1.75 -33.51 -7.41
C4 PEG BA . 1.30 -32.28 -6.63
O4 PEG BA . 0.31 -31.59 -7.39
C1 PEG CA . 1.08 -4.48 13.50
O1 PEG CA . -0.16 -5.17 13.64
C2 PEG CA . 1.55 -4.56 12.05
O2 PEG CA . 0.69 -3.80 11.23
C3 PEG CA . 0.14 -4.56 10.16
C4 PEG CA . -1.10 -3.84 9.61
O4 PEG CA . -2.15 -4.78 9.38
C1 PEG DA . 28.10 -10.72 -13.37
O1 PEG DA . 29.16 -11.67 -13.59
C2 PEG DA . 27.39 -11.04 -12.06
O2 PEG DA . 26.43 -10.02 -11.79
C3 PEG DA . 25.71 -10.26 -10.57
C4 PEG DA . 25.08 -8.97 -10.09
O4 PEG DA . 24.35 -9.19 -8.88
C1 PEG EA . 3.93 -28.08 -5.45
O1 PEG EA . 5.10 -28.81 -5.85
C2 PEG EA . 4.23 -26.58 -5.43
O2 PEG EA . 3.27 -25.93 -4.60
C3 PEG EA . 3.46 -24.52 -4.55
C4 PEG EA . 2.93 -23.99 -3.22
O4 PEG EA . 1.89 -23.05 -3.44
C1 PEG FA . 10.96 2.94 -3.47
O1 PEG FA . 11.19 3.60 -2.22
C2 PEG FA . 11.49 3.81 -4.60
O2 PEG FA . 10.53 3.83 -5.65
C3 PEG FA . 10.34 5.15 -6.14
C4 PEG FA . 9.24 5.80 -5.32
O4 PEG FA . 9.05 7.16 -5.70
C1 PEG GA . -13.17 21.66 42.89
O1 PEG GA . -11.92 22.28 42.57
C2 PEG GA . -14.26 22.22 41.99
O2 PEG GA . -14.34 23.63 42.15
C3 PEG GA . -15.49 24.19 41.52
C4 PEG GA . -15.70 25.62 41.98
O4 PEG GA . -14.61 26.44 41.54
C1 PEG HA . 12.49 -0.63 -29.04
O1 PEG HA . 11.18 -0.40 -28.52
C2 PEG HA . 12.42 -0.65 -30.57
O2 PEG HA . 13.72 -0.89 -31.12
C3 PEG HA . 13.66 -1.06 -32.54
C4 PEG HA . 15.07 -1.02 -33.12
O4 PEG HA . 15.62 0.30 -32.95
C1 PEG IA . 21.08 1.70 -18.87
O1 PEG IA . 21.57 2.46 -19.98
C2 PEG IA . 19.66 2.13 -18.53
O2 PEG IA . 19.42 1.89 -17.15
C3 PEG IA . 18.29 2.60 -16.66
C4 PEG IA . 18.48 2.88 -15.17
O4 PEG IA . 17.27 3.41 -14.60
C1 PEG JA . -1.67 -24.92 2.60
O1 PEG JA . -1.21 -25.26 3.92
C2 PEG JA . -1.49 -26.11 1.67
O2 PEG JA . -0.10 -26.42 1.54
C3 PEG JA . 0.11 -27.57 0.73
C4 PEG JA . 1.60 -27.69 0.38
O4 PEG JA . 1.80 -28.76 -0.53
C1 PEG KA . -8.97 10.78 -14.90
O1 PEG KA . -10.21 10.57 -15.60
C2 PEG KA . -8.43 12.16 -15.26
O2 PEG KA . -7.22 12.42 -14.57
C3 PEG KA . -6.50 13.50 -15.17
C4 PEG KA . -6.01 14.43 -14.07
O4 PEG KA . -7.14 14.83 -13.28
C1 PEG LA . 27.69 -20.97 -28.48
O1 PEG LA . 28.45 -22.17 -28.36
C2 PEG LA . 26.24 -21.17 -28.05
O2 PEG LA . 26.14 -21.10 -26.63
C3 PEG LA . 24.78 -21.05 -26.17
C4 PEG LA . 24.75 -20.77 -24.67
O4 PEG LA . 23.52 -20.12 -24.32
C1 PEG MA . -29.91 9.68 17.37
O1 PEG MA . -31.27 9.67 17.84
C2 PEG MA . -29.50 11.04 16.82
O2 PEG MA . -28.10 11.02 16.52
C3 PEG MA . -27.72 12.10 15.68
C4 PEG MA . -26.26 11.94 15.30
O4 PEG MA . -25.79 13.22 14.89
C10 OLC NA . 5.13 11.34 -0.75
C9 OLC NA . 4.20 10.57 -0.18
C8 OLC NA . 3.63 10.93 1.17
C24 OLC NA . -8.99 11.63 -0.02
C7 OLC NA . 2.14 10.64 1.19
C6 OLC NA . 1.39 11.45 0.15
C5 OLC NA . -0.12 11.26 0.24
C4 OLC NA . -0.74 12.20 1.27
C3 OLC NA . -2.22 12.42 0.96
C2 OLC NA . -3.06 11.21 1.33
C21 OLC NA . -6.83 11.19 1.16
C1 OLC NA . -4.40 11.36 0.66
C22 OLC NA . -7.58 11.07 -0.16
O19 OLC NA . -4.55 12.18 -0.24
O25 OLC NA . -9.94 10.57 -0.21
O23 OLC NA . -6.88 11.83 -1.15
O20 OLC NA . -5.55 10.56 1.05
C24 OLC OA . -10.03 -28.91 -7.44
C3 OLC OA . -6.68 -27.41 -12.77
C2 OLC OA . -7.06 -26.81 -11.43
C21 OLC OA . -7.63 -28.85 -8.21
C1 OLC OA . -6.78 -27.81 -10.32
C22 OLC OA . -8.60 -28.52 -7.07
O19 OLC OA . -5.99 -28.73 -10.49
O25 OLC OA . -10.82 -28.96 -6.25
O23 OLC OA . -8.23 -29.24 -5.89
O20 OLC OA . -7.48 -27.70 -9.04
C1 PEG PA . 13.78 -5.16 -0.97
O1 PEG PA . 13.45 -6.54 -1.07
C2 PEG PA . 14.94 -4.85 -1.90
O2 PEG PA . 14.47 -4.66 -3.23
C3 PEG PA . 15.54 -4.62 -4.16
C4 PEG PA . 15.15 -3.85 -5.41
O4 PEG PA . 16.27 -3.78 -6.30
C1 PEG QA . 26.62 -38.29 -11.14
O1 PEG QA . 27.56 -39.21 -11.71
C2 PEG QA . 26.54 -38.52 -9.64
O2 PEG QA . 25.83 -37.45 -9.02
C3 PEG QA . 24.44 -37.49 -9.34
C4 PEG QA . 23.61 -37.63 -8.07
O4 PEG QA . 23.85 -36.51 -7.20
#